data_6U9C
#
_entry.id   6U9C
#
_cell.length_a   101.231
_cell.length_b   101.231
_cell.length_c   126.184
_cell.angle_alpha   90.000
_cell.angle_beta   90.000
_cell.angle_gamma   120.000
#
_symmetry.space_group_name_H-M   'P 31 2 1'
#
loop_
_entity.id
_entity.type
_entity.pdbx_description
1 polymer 'Chloramphenicol acetyltransferase'
2 non-polymer 'CITRIC ACID'
3 non-polymer 'CHLORIDE ION'
4 non-polymer 'ACETYL COENZYME *A'
5 non-polymer 'SULFATE ION'
6 non-polymer 'ISOPROPYL ALCOHOL'
7 water water
#
_entity_poly.entity_id   1
_entity_poly.type   'polypeptide(L)'
_entity_poly.pdbx_seq_one_letter_code
;SNAMNFFTSPFSGIPLDQQVTNPNIIVGKHSYYSGYYHGHSFDDCVRYLHPERDDVDKLVIGSFCSIGSGAVFMMAGNQG
HRSDWISTFPFFYQDNDNFADARDGFTRSGDTIIGHDVWIGTEAMIMPGVKIGHGAIIASRSVVTKDVAPYEVVGSNPAK
HIKFRFSDVEIAMLLEMAWWNWPESWLKESMQSLCSSDIEGLYLNWQSKART
;
_entity_poly.pdbx_strand_id   A,B,C
#
loop_
_chem_comp.id
_chem_comp.type
_chem_comp.name
_chem_comp.formula
ACO non-polymer 'ACETYL COENZYME *A' 'C23 H38 N7 O17 P3 S'
CIT non-polymer 'CITRIC ACID' 'C6 H8 O7'
CL non-polymer 'CHLORIDE ION' 'Cl -1'
IPA non-polymer 'ISOPROPYL ALCOHOL' 'C3 H8 O'
SO4 non-polymer 'SULFATE ION' 'O4 S -2'
#
# COMPACT_ATOMS: atom_id res chain seq x y z
N MET A 4 -21.68 10.71 -1.32
CA MET A 4 -21.00 9.43 -1.14
C MET A 4 -19.60 9.47 -1.74
N ASN A 5 -19.51 9.71 -3.05
CA ASN A 5 -18.24 9.73 -3.76
C ASN A 5 -18.07 11.09 -4.42
N PHE A 6 -16.90 11.70 -4.24
CA PHE A 6 -16.65 13.01 -4.83
C PHE A 6 -16.68 12.95 -6.35
N PHE A 7 -16.04 11.93 -6.92
CA PHE A 7 -15.96 11.79 -8.37
C PHE A 7 -17.16 11.04 -8.90
N THR A 8 -17.70 11.52 -10.03
CA THR A 8 -18.93 10.96 -10.56
C THR A 8 -18.70 9.65 -11.31
N SER A 9 -17.49 9.38 -11.77
CA SER A 9 -17.20 8.22 -12.59
C SER A 9 -15.72 7.86 -12.45
N PRO A 10 -15.35 6.60 -12.67
CA PRO A 10 -13.93 6.22 -12.53
C PRO A 10 -12.99 7.01 -13.41
N PHE A 11 -13.45 7.51 -14.55
CA PHE A 11 -12.57 8.24 -15.45
C PHE A 11 -12.63 9.73 -15.22
N SER A 12 -13.27 10.17 -14.13
CA SER A 12 -13.41 11.59 -13.88
C SER A 12 -12.08 12.19 -13.45
N GLY A 13 -11.71 13.31 -14.06
CA GLY A 13 -10.49 14.00 -13.69
C GLY A 13 -10.75 15.47 -13.41
N ILE A 14 -10.87 15.82 -12.14
CA ILE A 14 -11.28 17.17 -11.72
C ILE A 14 -10.03 18.00 -11.41
N PRO A 15 -9.95 19.24 -11.90
CA PRO A 15 -8.75 20.06 -11.67
C PRO A 15 -8.49 20.30 -10.19
N LEU A 16 -7.21 20.41 -9.86
CA LEU A 16 -6.80 20.73 -8.50
C LEU A 16 -7.44 22.02 -8.02
N ASP A 17 -7.14 23.14 -8.69
CA ASP A 17 -7.67 24.44 -8.29
C ASP A 17 -9.19 24.42 -8.15
N GLN A 18 -9.87 23.48 -8.80
CA GLN A 18 -11.32 23.42 -8.69
C GLN A 18 -11.77 22.87 -7.35
N GLN A 19 -10.92 22.09 -6.67
CA GLN A 19 -11.31 21.45 -5.43
C GLN A 19 -10.40 21.72 -4.25
N VAL A 20 -9.26 22.37 -4.45
CA VAL A 20 -8.31 22.61 -3.37
C VAL A 20 -8.80 23.76 -2.51
N THR A 21 -9.19 23.46 -1.28
CA THR A 21 -9.69 24.47 -0.36
C THR A 21 -8.68 24.87 0.71
N ASN A 22 -7.58 24.14 0.85
CA ASN A 22 -6.61 24.43 1.90
C ASN A 22 -5.74 25.61 1.50
N PRO A 23 -5.69 26.67 2.30
CA PRO A 23 -4.85 27.82 1.94
C PRO A 23 -3.37 27.49 1.81
N ASN A 24 -2.90 26.42 2.45
CA ASN A 24 -1.49 26.08 2.42
C ASN A 24 -1.13 25.17 1.25
N ILE A 25 -2.06 24.95 0.31
CA ILE A 25 -1.82 24.14 -0.88
C ILE A 25 -1.81 25.04 -2.11
N ILE A 26 -0.76 24.92 -2.91
CA ILE A 26 -0.54 25.81 -4.04
C ILE A 26 -0.47 24.95 -5.29
N VAL A 27 -1.46 25.12 -6.18
CA VAL A 27 -1.59 24.29 -7.38
C VAL A 27 -1.62 25.17 -8.61
N GLY A 28 -1.01 24.68 -9.70
CA GLY A 28 -1.13 25.32 -10.99
C GLY A 28 -2.35 24.83 -11.75
N LYS A 29 -2.78 25.62 -12.72
CA LYS A 29 -4.01 25.25 -13.39
C LYS A 29 -3.78 24.06 -14.32
N HIS A 30 -4.89 23.45 -14.74
CA HIS A 30 -4.95 22.24 -15.56
C HIS A 30 -4.46 20.97 -14.86
N SER A 31 -3.64 21.11 -13.81
CA SER A 31 -3.31 19.94 -13.01
C SER A 31 -4.58 19.37 -12.40
N TYR A 32 -4.67 18.04 -12.34
CA TYR A 32 -5.88 17.39 -11.85
C TYR A 32 -5.55 16.19 -10.97
N TYR A 33 -6.57 15.71 -10.27
CA TYR A 33 -6.53 14.48 -9.48
C TYR A 33 -7.77 13.67 -9.85
N SER A 34 -7.59 12.38 -10.09
CA SER A 34 -8.69 11.49 -10.48
C SER A 34 -8.78 10.39 -9.43
N GLY A 35 -9.55 10.65 -8.38
CA GLY A 35 -9.60 9.75 -7.24
C GLY A 35 -10.95 9.11 -6.98
N TYR A 36 -11.63 8.64 -8.03
CA TYR A 36 -12.91 7.96 -7.85
C TYR A 36 -12.78 6.77 -6.90
N TYR A 37 -11.67 6.04 -6.98
CA TYR A 37 -11.54 4.80 -6.25
C TYR A 37 -11.12 4.99 -4.80
N HIS A 38 -10.96 6.24 -4.34
CA HIS A 38 -10.77 6.50 -2.93
C HIS A 38 -11.82 7.46 -2.37
N GLY A 39 -12.69 8.01 -3.21
CA GLY A 39 -13.92 8.62 -2.76
C GLY A 39 -13.82 10.05 -2.26
N HIS A 40 -12.63 10.61 -2.10
CA HIS A 40 -12.49 11.93 -1.51
C HIS A 40 -11.80 12.88 -2.49
N SER A 41 -12.00 14.18 -2.23
CA SER A 41 -11.37 15.24 -3.01
C SER A 41 -9.87 15.31 -2.70
N PHE A 42 -9.18 16.17 -3.44
CA PHE A 42 -7.72 16.21 -3.34
C PHE A 42 -7.26 16.68 -1.96
N ASP A 43 -8.09 17.45 -1.24
CA ASP A 43 -7.70 17.97 0.07
C ASP A 43 -7.17 16.85 0.97
N ASP A 44 -7.89 15.73 1.04
CA ASP A 44 -7.49 14.65 1.94
C ASP A 44 -6.37 13.78 1.39
N CYS A 45 -5.88 14.03 0.17
CA CYS A 45 -4.61 13.44 -0.21
C CYS A 45 -3.46 14.08 0.55
N VAL A 46 -3.67 15.30 1.01
CA VAL A 46 -2.63 16.10 1.66
C VAL A 46 -2.85 15.97 3.16
N ARG A 47 -1.97 15.21 3.81
CA ARG A 47 -2.23 14.75 5.17
C ARG A 47 -1.51 15.63 6.18
N TYR A 48 -2.24 16.05 7.21
CA TYR A 48 -1.70 16.69 8.40
C TYR A 48 -1.17 18.10 8.11
N LEU A 49 -1.77 18.77 7.13
CA LEU A 49 -1.44 20.15 6.81
C LEU A 49 -2.43 21.05 7.52
N HIS A 50 -1.95 21.82 8.50
CA HIS A 50 -2.80 22.78 9.20
C HIS A 50 -3.27 23.85 8.23
N PRO A 51 -4.57 24.10 8.08
CA PRO A 51 -5.02 25.23 7.24
C PRO A 51 -4.91 26.56 7.96
N GLU A 52 -4.69 26.55 9.28
CA GLU A 52 -4.75 27.78 10.06
C GLU A 52 -3.41 28.51 10.10
N ARG A 53 -2.30 27.80 10.02
CA ARG A 53 -0.99 28.37 10.31
C ARG A 53 -0.26 28.78 9.04
N ASP A 54 0.78 29.59 9.23
CA ASP A 54 1.70 29.96 8.16
C ASP A 54 3.15 29.67 8.52
N ASP A 55 3.40 28.97 9.64
CA ASP A 55 4.73 28.53 10.00
C ASP A 55 5.05 27.12 9.55
N VAL A 56 4.05 26.38 9.07
CA VAL A 56 4.23 24.97 8.74
C VAL A 56 4.71 24.82 7.30
N ASP A 57 5.09 23.59 6.93
CA ASP A 57 5.52 23.28 5.57
C ASP A 57 4.33 23.32 4.62
N LYS A 58 4.57 23.82 3.40
CA LYS A 58 3.56 23.97 2.37
C LYS A 58 3.74 22.96 1.26
N LEU A 59 2.66 22.71 0.52
CA LEU A 59 2.69 21.89 -0.69
C LEU A 59 2.47 22.76 -1.92
N VAL A 60 3.38 22.67 -2.87
CA VAL A 60 3.28 23.41 -4.13
C VAL A 60 3.31 22.40 -5.27
N ILE A 61 2.39 22.54 -6.20
CA ILE A 61 2.31 21.69 -7.39
C ILE A 61 2.19 22.58 -8.61
N GLY A 62 2.96 22.25 -9.65
CA GLY A 62 2.99 23.05 -10.86
C GLY A 62 1.75 22.84 -11.72
N SER A 63 1.89 23.22 -12.99
CA SER A 63 0.85 23.06 -13.99
C SER A 63 0.98 21.72 -14.70
N PHE A 64 -0.12 21.30 -15.32
CA PHE A 64 -0.14 20.13 -16.20
C PHE A 64 0.36 18.86 -15.50
N CYS A 65 0.03 18.72 -14.21
CA CYS A 65 0.30 17.49 -13.49
C CYS A 65 -0.90 16.57 -13.53
N SER A 66 -0.61 15.27 -13.46
CA SER A 66 -1.65 14.24 -13.41
C SER A 66 -1.42 13.40 -12.15
N ILE A 67 -2.39 13.43 -11.24
CA ILE A 67 -2.29 12.77 -9.95
C ILE A 67 -3.31 11.66 -9.89
N GLY A 68 -2.86 10.42 -9.61
CA GLY A 68 -3.74 9.27 -9.61
C GLY A 68 -4.37 9.02 -8.24
N SER A 69 -5.41 8.18 -8.26
CA SER A 69 -6.26 7.96 -7.10
C SER A 69 -5.44 7.55 -5.87
N GLY A 70 -5.81 8.10 -4.72
CA GLY A 70 -5.22 7.69 -3.46
C GLY A 70 -3.75 8.01 -3.29
N ALA A 71 -3.21 8.91 -4.10
CA ALA A 71 -1.89 9.48 -3.84
C ALA A 71 -1.89 10.22 -2.50
N VAL A 72 -0.72 10.20 -1.84
CA VAL A 72 -0.61 10.72 -0.49
C VAL A 72 0.55 11.72 -0.42
N PHE A 73 0.26 12.91 0.10
CA PHE A 73 1.28 13.93 0.33
C PHE A 73 1.38 14.14 1.84
N MET A 74 2.38 13.49 2.45
CA MET A 74 2.59 13.59 3.89
C MET A 74 3.23 14.93 4.24
N MET A 75 2.54 15.70 5.08
CA MET A 75 2.99 17.00 5.55
C MET A 75 3.26 16.90 7.06
N ALA A 76 3.62 18.04 7.66
CA ALA A 76 3.85 18.14 9.11
C ALA A 76 5.06 17.33 9.58
N GLY A 77 6.12 17.33 8.77
CA GLY A 77 7.43 16.82 9.15
C GLY A 77 7.45 15.46 9.83
N ASN A 78 7.84 15.45 11.10
CA ASN A 78 7.94 14.22 11.88
C ASN A 78 6.74 14.00 12.79
N GLN A 79 5.71 14.84 12.69
CA GLN A 79 4.49 14.71 13.49
C GLN A 79 4.79 14.68 15.00
N GLY A 80 5.93 15.25 15.41
CA GLY A 80 6.28 15.25 16.81
C GLY A 80 7.13 14.09 17.29
N HIS A 81 7.41 13.10 16.44
CA HIS A 81 8.20 11.95 16.87
C HIS A 81 9.66 12.23 16.59
N ARG A 82 10.49 12.20 17.63
CA ARG A 82 11.92 12.40 17.48
C ARG A 82 12.62 11.06 17.64
N SER A 83 12.98 10.45 16.52
CA SER A 83 13.64 9.15 16.62
C SER A 83 15.03 9.26 17.26
N ASP A 84 15.57 10.45 17.39
CA ASP A 84 16.87 10.65 18.01
C ASP A 84 16.77 10.88 19.52
N TRP A 85 15.57 11.13 20.03
CA TRP A 85 15.34 11.17 21.47
C TRP A 85 15.14 9.75 21.99
N ILE A 86 15.19 9.62 23.32
CA ILE A 86 15.05 8.29 23.93
C ILE A 86 13.75 7.62 23.47
N SER A 87 12.64 8.35 23.53
CA SER A 87 11.35 7.82 23.13
C SER A 87 10.81 8.62 21.95
N THR A 88 10.24 7.90 20.97
CA THR A 88 9.47 8.51 19.90
C THR A 88 8.04 8.84 20.32
N PHE A 89 7.63 8.51 21.52
CA PHE A 89 6.27 8.81 21.94
C PHE A 89 6.12 10.30 22.15
N PRO A 90 5.08 10.95 21.58
CA PRO A 90 5.00 12.42 21.58
C PRO A 90 4.32 13.00 22.83
N PHE A 91 4.97 12.82 23.98
CA PHE A 91 4.48 13.37 25.25
C PHE A 91 3.91 14.78 25.12
N PHE A 92 4.63 15.69 24.47
CA PHE A 92 4.22 17.10 24.40
C PHE A 92 2.81 17.25 23.85
N TYR A 93 2.37 16.35 22.98
CA TYR A 93 1.06 16.47 22.32
C TYR A 93 -0.01 15.57 22.93
N GLN A 94 0.34 14.74 23.90
CA GLN A 94 -0.64 13.92 24.59
C GLN A 94 -1.09 14.62 25.87
N ASP A 95 -2.39 14.58 26.12
CA ASP A 95 -2.95 15.25 27.29
C ASP A 95 -2.86 14.32 28.50
N ASN A 96 -1.89 14.61 29.37
CA ASN A 96 -1.73 13.90 30.64
C ASN A 96 -0.83 14.75 31.52
N ASP A 97 -1.32 15.14 32.69
CA ASP A 97 -0.58 16.03 33.56
C ASP A 97 0.81 15.51 33.91
N ASN A 98 1.02 14.20 33.88
CA ASN A 98 2.35 13.64 34.08
C ASN A 98 3.33 14.07 32.99
N PHE A 99 2.84 14.63 31.88
CA PHE A 99 3.71 15.00 30.76
C PHE A 99 3.97 16.51 30.70
N ALA A 100 3.80 17.23 31.82
CA ALA A 100 3.78 18.69 31.75
C ALA A 100 5.12 19.28 31.35
N ASP A 101 6.22 18.61 31.69
CA ASP A 101 7.56 19.10 31.39
C ASP A 101 8.12 18.56 30.08
N ALA A 102 7.29 17.98 29.22
CA ALA A 102 7.76 17.42 27.98
C ALA A 102 8.27 18.52 27.04
N ARG A 103 9.15 18.14 26.12
CA ARG A 103 9.64 19.05 25.09
C ARG A 103 8.94 18.79 23.76
N ASP A 104 8.86 19.84 22.96
CA ASP A 104 8.24 19.79 21.64
C ASP A 104 9.20 19.13 20.65
N GLY A 105 8.87 17.94 20.22
CA GLY A 105 9.69 17.28 19.22
C GLY A 105 9.38 17.60 17.79
N PHE A 106 8.47 18.53 17.53
CA PHE A 106 8.12 18.82 16.14
C PHE A 106 9.28 19.51 15.44
N THR A 107 9.60 19.07 14.22
CA THR A 107 10.56 19.76 13.38
C THR A 107 10.06 19.79 11.94
N ARG A 108 10.16 20.97 11.32
CA ARG A 108 9.83 21.15 9.91
C ARG A 108 10.76 20.31 9.05
N SER A 109 10.26 19.90 7.88
CA SER A 109 11.09 19.25 6.89
C SER A 109 11.39 20.13 5.71
N GLY A 110 10.76 21.30 5.60
CA GLY A 110 10.76 22.05 4.36
C GLY A 110 9.55 21.70 3.50
N ASP A 111 9.28 22.56 2.54
CA ASP A 111 8.10 22.37 1.71
C ASP A 111 8.30 21.21 0.74
N THR A 112 7.17 20.64 0.31
CA THR A 112 7.15 19.60 -0.72
C THR A 112 6.87 20.27 -2.06
N ILE A 113 7.82 20.14 -3.00
CA ILE A 113 7.83 20.91 -4.25
C ILE A 113 7.58 19.95 -5.40
N ILE A 114 6.48 20.17 -6.13
CA ILE A 114 6.10 19.32 -7.24
C ILE A 114 6.11 20.17 -8.51
N GLY A 115 7.02 19.85 -9.43
CA GLY A 115 7.23 20.68 -10.60
C GLY A 115 6.16 20.51 -11.67
N HIS A 116 6.45 21.09 -12.84
CA HIS A 116 5.51 21.03 -13.95
C HIS A 116 5.54 19.68 -14.67
N ASP A 117 4.40 19.33 -15.26
CA ASP A 117 4.24 18.14 -16.12
C ASP A 117 4.77 16.86 -15.44
N VAL A 118 4.35 16.62 -14.22
CA VAL A 118 4.82 15.45 -13.48
C VAL A 118 3.65 14.52 -13.21
N TRP A 119 3.89 13.23 -13.42
CA TRP A 119 2.87 12.19 -13.37
C TRP A 119 3.05 11.41 -12.07
N ILE A 120 2.06 11.49 -11.18
CA ILE A 120 2.13 10.86 -9.86
C ILE A 120 1.19 9.66 -9.88
N GLY A 121 1.76 8.45 -9.78
CA GLY A 121 0.97 7.25 -9.97
C GLY A 121 0.05 6.96 -8.80
N THR A 122 -0.96 6.13 -9.06
CA THR A 122 -1.98 5.89 -8.04
C THR A 122 -1.35 5.28 -6.79
N GLU A 123 -1.79 5.78 -5.63
CA GLU A 123 -1.39 5.28 -4.32
C GLU A 123 0.09 5.43 -4.04
N ALA A 124 0.78 6.30 -4.78
CA ALA A 124 2.10 6.73 -4.36
C ALA A 124 2.03 7.62 -3.12
N MET A 125 3.07 7.56 -2.29
CA MET A 125 3.13 8.35 -1.06
C MET A 125 4.37 9.22 -1.12
N ILE A 126 4.18 10.53 -0.96
CA ILE A 126 5.26 11.51 -1.02
C ILE A 126 5.62 11.94 0.40
N MET A 127 6.87 11.74 0.78
CA MET A 127 7.28 12.03 2.14
C MET A 127 7.60 13.50 2.33
N PRO A 128 7.61 14.00 3.58
CA PRO A 128 7.77 15.44 3.80
C PRO A 128 9.04 16.01 3.19
N GLY A 129 8.92 17.21 2.62
CA GLY A 129 10.08 17.93 2.12
C GLY A 129 10.71 17.37 0.85
N VAL A 130 10.03 16.49 0.14
CA VAL A 130 10.54 15.96 -1.12
C VAL A 130 10.41 17.02 -2.22
N LYS A 131 11.39 17.06 -3.12
CA LYS A 131 11.37 17.93 -4.31
C LYS A 131 11.32 17.05 -5.54
N ILE A 132 10.34 17.28 -6.41
CA ILE A 132 10.16 16.49 -7.62
C ILE A 132 10.26 17.43 -8.82
N GLY A 133 11.25 17.18 -9.67
CA GLY A 133 11.55 18.08 -10.78
C GLY A 133 10.60 17.90 -11.94
N HIS A 134 10.74 18.80 -12.92
CA HIS A 134 9.76 18.90 -14.00
C HIS A 134 9.76 17.64 -14.86
N GLY A 135 8.57 17.21 -15.25
CA GLY A 135 8.48 16.08 -16.16
C GLY A 135 8.80 14.74 -15.56
N ALA A 136 8.81 14.61 -14.23
CA ALA A 136 9.13 13.35 -13.60
C ALA A 136 7.93 12.41 -13.61
N ILE A 137 8.19 11.14 -13.35
CA ILE A 137 7.15 10.13 -13.26
C ILE A 137 7.38 9.35 -11.99
N ILE A 138 6.38 9.38 -11.10
CA ILE A 138 6.34 8.57 -9.89
C ILE A 138 5.45 7.37 -10.20
N ALA A 139 6.04 6.18 -10.25
CA ALA A 139 5.27 4.97 -10.51
C ALA A 139 4.25 4.71 -9.40
N SER A 140 3.26 3.89 -9.71
CA SER A 140 2.25 3.54 -8.73
C SER A 140 2.88 2.88 -7.50
N ARG A 141 2.29 3.16 -6.35
CA ARG A 141 2.67 2.56 -5.07
C ARG A 141 4.08 2.97 -4.63
N SER A 142 4.73 3.88 -5.36
CA SER A 142 6.02 4.36 -4.89
C SER A 142 5.91 5.00 -3.52
N VAL A 143 6.98 4.89 -2.76
CA VAL A 143 7.14 5.60 -1.51
C VAL A 143 8.35 6.51 -1.73
N VAL A 144 8.09 7.79 -2.00
CA VAL A 144 9.11 8.73 -2.44
C VAL A 144 9.73 9.40 -1.22
N THR A 145 10.98 9.02 -0.90
CA THR A 145 11.68 9.53 0.26
C THR A 145 12.83 10.47 -0.09
N LYS A 146 13.14 10.63 -1.37
CA LYS A 146 14.26 11.44 -1.82
C LYS A 146 13.80 12.29 -3.00
N ASP A 147 14.53 13.38 -3.24
CA ASP A 147 14.20 14.22 -4.38
C ASP A 147 14.29 13.41 -5.67
N VAL A 148 13.47 13.80 -6.66
CA VAL A 148 13.47 13.22 -7.99
C VAL A 148 13.88 14.31 -8.98
N ALA A 149 14.77 13.97 -9.90
CA ALA A 149 15.30 14.95 -10.82
C ALA A 149 14.39 15.08 -12.05
N PRO A 150 14.47 16.18 -12.78
CA PRO A 150 13.55 16.41 -13.90
C PRO A 150 13.56 15.26 -14.90
N TYR A 151 12.38 14.87 -15.35
CA TYR A 151 12.17 13.82 -16.35
C TYR A 151 12.71 12.46 -15.91
N GLU A 152 12.97 12.31 -14.62
CA GLU A 152 13.36 11.01 -14.06
C GLU A 152 12.12 10.17 -13.80
N VAL A 153 12.28 8.86 -13.98
CA VAL A 153 11.25 7.89 -13.65
C VAL A 153 11.71 7.10 -12.43
N VAL A 154 10.88 7.07 -11.39
CA VAL A 154 11.20 6.31 -10.18
C VAL A 154 10.01 5.41 -9.83
N GLY A 155 10.33 4.35 -9.06
CA GLY A 155 9.34 3.43 -8.55
C GLY A 155 9.95 2.63 -7.42
N SER A 156 9.07 1.91 -6.70
CA SER A 156 9.36 1.01 -5.59
C SER A 156 9.30 1.70 -4.22
N ASN A 157 9.62 0.94 -3.18
CA ASN A 157 9.43 1.36 -1.79
C ASN A 157 10.67 0.92 -1.03
N PRO A 158 11.60 1.85 -0.76
CA PRO A 158 11.54 3.26 -1.15
C PRO A 158 11.80 3.47 -2.65
N ALA A 159 11.34 4.60 -3.18
CA ALA A 159 11.49 4.88 -4.61
C ALA A 159 12.95 4.96 -5.01
N LYS A 160 13.25 4.40 -6.18
CA LYS A 160 14.59 4.23 -6.69
C LYS A 160 14.62 4.61 -8.17
N HIS A 161 15.80 4.98 -8.66
CA HIS A 161 15.92 5.39 -10.06
C HIS A 161 15.61 4.21 -10.97
N ILE A 162 14.70 4.43 -11.92
CA ILE A 162 14.44 3.44 -12.97
C ILE A 162 15.11 3.88 -14.25
N LYS A 163 14.76 5.06 -14.75
CA LYS A 163 15.33 5.56 -16.01
C LYS A 163 15.10 7.06 -16.10
N PHE A 164 15.68 7.68 -17.13
CA PHE A 164 15.32 9.01 -17.56
C PHE A 164 14.42 8.92 -18.78
N ARG A 165 13.42 9.79 -18.84
CA ARG A 165 12.49 9.79 -19.98
C ARG A 165 13.23 10.07 -21.27
N PHE A 166 14.06 11.11 -21.28
CA PHE A 166 14.76 11.50 -22.50
C PHE A 166 16.25 11.62 -22.23
N SER A 167 17.00 11.72 -23.32
CA SER A 167 18.43 11.94 -23.27
C SER A 167 18.75 13.23 -22.52
N ASP A 168 20.04 13.42 -22.23
CA ASP A 168 20.45 14.57 -21.43
C ASP A 168 20.25 15.87 -22.18
N VAL A 169 20.75 15.93 -23.42
CA VAL A 169 20.61 17.18 -24.19
C VAL A 169 19.14 17.46 -24.47
N GLU A 170 18.31 16.41 -24.49
CA GLU A 170 16.89 16.60 -24.71
C GLU A 170 16.21 17.19 -23.48
N ILE A 171 16.61 16.74 -22.29
CA ILE A 171 16.07 17.32 -21.07
C ILE A 171 16.46 18.80 -20.96
N ALA A 172 17.72 19.11 -21.30
CA ALA A 172 18.13 20.50 -21.35
C ALA A 172 17.22 21.30 -22.28
N MET A 173 16.89 20.75 -23.43
CA MET A 173 16.08 21.51 -24.39
C MET A 173 14.70 21.80 -23.82
N LEU A 174 14.12 20.82 -23.14
CA LEU A 174 12.76 20.98 -22.63
C LEU A 174 12.73 21.97 -21.47
N LEU A 175 13.73 21.93 -20.61
CA LEU A 175 13.81 22.87 -19.50
C LEU A 175 14.13 24.27 -19.97
N GLU A 176 14.67 24.41 -21.17
CA GLU A 176 14.92 25.73 -21.74
C GLU A 176 13.61 26.39 -22.19
N MET A 177 12.88 25.75 -23.09
CA MET A 177 11.69 26.39 -23.63
C MET A 177 10.57 26.44 -22.59
N ALA A 178 10.54 25.48 -21.67
CA ALA A 178 9.57 25.41 -20.57
C ALA A 178 8.16 25.68 -21.07
N TRP A 179 7.70 24.79 -21.96
CA TRP A 179 6.43 24.99 -22.67
C TRP A 179 5.27 25.29 -21.74
N TRP A 180 5.32 24.84 -20.49
CA TRP A 180 4.22 25.05 -19.58
C TRP A 180 3.99 26.54 -19.26
N ASN A 181 4.99 27.39 -19.49
CA ASN A 181 4.86 28.81 -19.19
C ASN A 181 4.21 29.62 -20.32
N TRP A 182 3.87 28.98 -21.45
CA TRP A 182 3.43 29.67 -22.66
C TRP A 182 1.97 30.13 -22.56
N PRO A 183 1.57 31.13 -23.35
CA PRO A 183 0.18 31.59 -23.32
C PRO A 183 -0.76 30.60 -24.00
N GLU A 184 -2.03 30.67 -23.60
CA GLU A 184 -3.01 29.68 -24.03
C GLU A 184 -3.16 29.65 -25.55
N SER A 185 -3.20 30.83 -26.18
CA SER A 185 -3.30 30.89 -27.64
C SER A 185 -2.14 30.16 -28.32
N TRP A 186 -0.97 30.16 -27.70
CA TRP A 186 0.21 29.52 -28.25
C TRP A 186 0.14 28.00 -28.13
N LEU A 187 -0.44 27.50 -27.04
CA LEU A 187 -0.45 26.06 -26.81
C LEU A 187 -1.18 25.32 -27.90
N LYS A 188 -2.32 25.87 -28.36
CA LYS A 188 -3.12 25.19 -29.39
C LYS A 188 -2.26 24.81 -30.58
N GLU A 189 -1.31 25.67 -30.93
CA GLU A 189 -0.59 25.54 -32.19
C GLU A 189 0.45 24.44 -32.14
N SER A 190 1.15 24.29 -31.02
CA SER A 190 2.17 23.25 -30.88
C SER A 190 1.62 21.95 -30.30
N MET A 191 0.29 21.81 -30.26
CA MET A 191 -0.34 20.64 -29.64
C MET A 191 0.10 19.35 -30.31
N GLN A 192 0.12 19.33 -31.64
CA GLN A 192 0.50 18.12 -32.36
C GLN A 192 1.95 17.74 -32.08
N SER A 193 2.84 18.72 -31.97
CA SER A 193 4.21 18.40 -31.60
C SER A 193 4.28 17.93 -30.15
N LEU A 194 3.46 18.52 -29.28
CA LEU A 194 3.45 18.11 -27.88
C LEU A 194 3.00 16.66 -27.74
N CYS A 195 1.99 16.26 -28.51
CA CYS A 195 1.51 14.90 -28.49
C CYS A 195 2.36 14.02 -29.39
N SER A 196 3.68 14.10 -29.25
CA SER A 196 4.59 13.35 -30.11
C SER A 196 5.94 13.23 -29.41
N SER A 197 6.86 12.51 -30.05
CA SER A 197 8.21 12.31 -29.55
C SER A 197 9.22 13.31 -30.09
N ASP A 198 8.82 14.21 -30.99
CA ASP A 198 9.77 15.03 -31.75
C ASP A 198 10.33 16.17 -30.90
N ILE A 199 11.21 15.80 -29.97
CA ILE A 199 11.78 16.78 -29.04
C ILE A 199 12.72 17.73 -29.76
N GLU A 200 13.64 17.17 -30.57
CA GLU A 200 14.50 18.03 -31.38
C GLU A 200 13.68 18.93 -32.30
N GLY A 201 12.55 18.42 -32.79
CA GLY A 201 11.70 19.18 -33.68
C GLY A 201 11.13 20.43 -33.06
N LEU A 202 10.35 20.29 -32.00
CA LEU A 202 9.74 21.44 -31.37
C LEU A 202 10.77 22.41 -30.79
N TYR A 203 12.01 21.95 -30.59
CA TYR A 203 13.04 22.84 -30.07
C TYR A 203 13.32 24.02 -30.98
N LEU A 204 12.98 23.91 -32.26
CA LEU A 204 13.28 24.99 -33.20
C LEU A 204 12.09 25.93 -33.40
N ASN A 205 10.86 25.41 -33.31
CA ASN A 205 9.69 26.28 -33.43
C ASN A 205 9.65 27.30 -32.30
N TRP A 206 10.11 26.92 -31.11
CA TRP A 206 10.25 27.89 -30.03
C TRP A 206 11.46 28.79 -30.25
N GLN A 207 12.56 28.23 -30.76
CA GLN A 207 13.82 28.96 -30.86
C GLN A 207 13.76 30.01 -31.97
N SER A 208 13.32 29.61 -33.16
CA SER A 208 13.23 30.54 -34.28
C SER A 208 12.28 31.69 -33.96
N LYS A 209 11.15 31.38 -33.34
CA LYS A 209 10.21 32.42 -32.92
C LYS A 209 10.75 33.18 -31.71
N MET B 4 -22.49 0.82 5.04
CA MET B 4 -22.95 0.05 3.89
C MET B 4 -21.84 -0.84 3.34
N ASN B 5 -21.31 -1.72 4.17
CA ASN B 5 -20.35 -2.71 3.70
C ASN B 5 -21.07 -3.75 2.84
N PHE B 6 -20.34 -4.31 1.86
CA PHE B 6 -20.89 -5.35 1.00
C PHE B 6 -20.76 -6.74 1.60
N PHE B 7 -19.74 -6.98 2.42
CA PHE B 7 -19.55 -8.26 3.09
C PHE B 7 -20.03 -8.17 4.52
N THR B 8 -20.49 -9.31 5.04
CA THR B 8 -21.11 -9.33 6.37
C THR B 8 -20.06 -9.36 7.47
N SER B 9 -19.11 -10.28 7.39
CA SER B 9 -18.08 -10.49 8.39
C SER B 9 -16.72 -10.45 7.71
N PRO B 10 -15.63 -10.36 8.48
CA PRO B 10 -14.30 -10.43 7.87
C PRO B 10 -14.05 -11.73 7.13
N PHE B 11 -14.66 -12.83 7.58
CA PHE B 11 -14.40 -14.14 7.00
C PHE B 11 -15.32 -14.47 5.84
N SER B 12 -16.13 -13.51 5.40
CA SER B 12 -17.08 -13.74 4.32
C SER B 12 -16.34 -13.63 2.99
N GLY B 13 -16.19 -14.75 2.29
CA GLY B 13 -15.67 -14.76 0.94
C GLY B 13 -16.76 -15.11 -0.04
N ILE B 14 -17.10 -14.19 -0.93
CA ILE B 14 -18.22 -14.34 -1.85
C ILE B 14 -17.68 -14.75 -3.21
N PRO B 15 -18.19 -15.82 -3.83
CA PRO B 15 -17.74 -16.22 -5.15
C PRO B 15 -17.82 -15.08 -6.15
N LEU B 16 -16.81 -14.98 -7.01
CA LEU B 16 -16.73 -13.88 -7.96
C LEU B 16 -17.95 -13.87 -8.89
N ASP B 17 -18.31 -15.04 -9.43
CA ASP B 17 -19.43 -15.09 -10.37
C ASP B 17 -20.74 -14.61 -9.76
N GLN B 18 -20.80 -14.37 -8.45
CA GLN B 18 -21.97 -13.86 -7.77
C GLN B 18 -21.88 -12.37 -7.46
N GLN B 19 -20.85 -11.68 -7.93
CA GLN B 19 -20.73 -10.25 -7.63
C GLN B 19 -20.06 -9.45 -8.74
N VAL B 20 -19.85 -10.02 -9.93
CA VAL B 20 -19.26 -9.30 -11.05
C VAL B 20 -20.38 -8.90 -12.01
N THR B 21 -20.40 -7.62 -12.40
CA THR B 21 -21.37 -7.11 -13.35
C THR B 21 -20.75 -6.59 -14.63
N ASN B 22 -19.49 -6.21 -14.59
CA ASN B 22 -18.79 -5.74 -15.77
C ASN B 22 -18.74 -6.86 -16.81
N PRO B 23 -19.29 -6.66 -18.01
CA PRO B 23 -19.19 -7.71 -19.03
C PRO B 23 -17.77 -8.04 -19.43
N ASN B 24 -16.82 -7.15 -19.13
CA ASN B 24 -15.43 -7.35 -19.49
C ASN B 24 -14.62 -8.02 -18.38
N ILE B 25 -15.27 -8.47 -17.32
CA ILE B 25 -14.65 -9.31 -16.28
C ILE B 25 -15.26 -10.70 -16.41
N ILE B 26 -14.44 -11.68 -16.73
CA ILE B 26 -14.90 -13.05 -16.82
C ILE B 26 -14.22 -13.88 -15.73
N VAL B 27 -15.02 -14.58 -14.95
CA VAL B 27 -14.57 -15.27 -13.75
C VAL B 27 -14.97 -16.74 -13.84
N GLY B 28 -14.11 -17.61 -13.30
CA GLY B 28 -14.41 -19.03 -13.23
C GLY B 28 -15.18 -19.38 -11.97
N LYS B 29 -15.56 -20.64 -11.88
CA LYS B 29 -16.33 -21.10 -10.72
C LYS B 29 -15.43 -21.20 -9.48
N HIS B 30 -16.06 -21.02 -8.30
CA HIS B 30 -15.45 -21.16 -6.97
C HIS B 30 -14.46 -20.06 -6.60
N SER B 31 -13.88 -19.38 -7.58
CA SER B 31 -13.04 -18.23 -7.28
C SER B 31 -13.81 -17.20 -6.47
N TYR B 32 -13.19 -16.69 -5.40
CA TYR B 32 -13.91 -15.83 -4.46
C TYR B 32 -13.05 -14.62 -4.06
N TYR B 33 -13.74 -13.53 -3.77
CA TYR B 33 -13.11 -12.32 -3.25
C TYR B 33 -13.54 -12.14 -1.80
N SER B 34 -12.61 -11.70 -0.96
CA SER B 34 -12.84 -11.62 0.49
C SER B 34 -12.50 -10.20 0.93
N GLY B 35 -13.44 -9.28 0.75
CA GLY B 35 -13.08 -7.87 0.87
C GLY B 35 -13.78 -7.06 1.93
N TYR B 36 -14.04 -7.64 3.11
CA TYR B 36 -14.71 -6.90 4.17
C TYR B 36 -13.95 -5.62 4.52
N TYR B 37 -12.62 -5.68 4.52
CA TYR B 37 -11.86 -4.56 5.04
C TYR B 37 -11.69 -3.43 4.06
N HIS B 38 -12.19 -3.60 2.83
CA HIS B 38 -12.27 -2.50 1.88
C HIS B 38 -13.70 -2.23 1.45
N GLY B 39 -14.67 -2.95 2.00
CA GLY B 39 -16.07 -2.56 1.88
C GLY B 39 -16.78 -2.87 0.58
N HIS B 40 -16.09 -2.78 -0.57
CA HIS B 40 -16.76 -2.80 -1.86
C HIS B 40 -16.76 -4.19 -2.48
N SER B 41 -17.69 -4.39 -3.42
CA SER B 41 -17.74 -5.64 -4.16
C SER B 41 -16.58 -5.72 -5.14
N PHE B 42 -16.41 -6.91 -5.71
CA PHE B 42 -15.23 -7.18 -6.53
C PHE B 42 -15.12 -6.25 -7.73
N ASP B 43 -16.25 -5.73 -8.23
CA ASP B 43 -16.20 -4.89 -9.42
C ASP B 43 -15.25 -3.70 -9.23
N ASP B 44 -15.33 -3.05 -8.08
CA ASP B 44 -14.46 -1.90 -7.87
C ASP B 44 -13.00 -2.30 -7.61
N CYS B 45 -12.68 -3.59 -7.45
CA CYS B 45 -11.28 -4.00 -7.46
C CYS B 45 -10.65 -3.81 -8.82
N VAL B 46 -11.46 -3.88 -9.88
CA VAL B 46 -10.98 -3.83 -11.25
C VAL B 46 -11.15 -2.40 -11.73
N ARG B 47 -10.04 -1.71 -11.91
CA ARG B 47 -10.05 -0.26 -12.04
C ARG B 47 -9.93 0.19 -13.51
N TYR B 48 -10.77 1.14 -13.87
CA TYR B 48 -10.71 1.87 -15.14
C TYR B 48 -11.06 0.97 -16.33
N LEU B 49 -11.90 -0.03 -16.10
CA LEU B 49 -12.32 -0.98 -17.11
C LEU B 49 -13.68 -0.55 -17.65
N HIS B 50 -13.68 0.04 -18.85
CA HIS B 50 -14.93 0.40 -19.51
C HIS B 50 -15.85 -0.82 -19.62
N PRO B 51 -17.05 -0.78 -19.04
CA PRO B 51 -17.90 -1.98 -19.07
C PRO B 51 -18.72 -2.15 -20.35
N GLU B 52 -18.84 -1.10 -21.17
CA GLU B 52 -19.72 -1.15 -22.33
C GLU B 52 -19.00 -1.53 -23.61
N ARG B 53 -17.70 -1.31 -23.67
CA ARG B 53 -16.93 -1.45 -24.91
C ARG B 53 -16.31 -2.84 -24.99
N ASP B 54 -16.03 -3.26 -26.23
CA ASP B 54 -15.29 -4.50 -26.46
C ASP B 54 -14.04 -4.27 -27.30
N ASP B 55 -13.52 -3.04 -27.32
CA ASP B 55 -12.20 -2.78 -27.86
C ASP B 55 -11.20 -2.40 -26.76
N VAL B 56 -11.42 -2.85 -25.53
CA VAL B 56 -10.56 -2.52 -24.39
C VAL B 56 -9.97 -3.79 -23.79
N ASP B 57 -8.93 -3.61 -22.98
CA ASP B 57 -8.32 -4.74 -22.30
C ASP B 57 -9.31 -5.37 -21.36
N LYS B 58 -9.30 -6.70 -21.27
CA LYS B 58 -10.23 -7.43 -20.42
C LYS B 58 -9.48 -8.12 -19.28
N LEU B 59 -10.24 -8.49 -18.25
CA LEU B 59 -9.71 -9.25 -17.13
C LEU B 59 -10.32 -10.65 -17.11
N VAL B 60 -9.45 -11.66 -17.08
CA VAL B 60 -9.84 -13.06 -17.11
C VAL B 60 -9.23 -13.75 -15.90
N ILE B 61 -10.06 -14.45 -15.14
CA ILE B 61 -9.65 -15.10 -13.90
C ILE B 61 -10.10 -16.55 -13.94
N GLY B 62 -9.17 -17.47 -13.67
CA GLY B 62 -9.52 -18.87 -13.71
C GLY B 62 -10.41 -19.23 -12.55
N SER B 63 -10.66 -20.51 -12.41
CA SER B 63 -11.45 -21.01 -11.30
C SER B 63 -10.54 -21.33 -10.11
N PHE B 64 -11.17 -21.44 -8.93
CA PHE B 64 -10.50 -21.79 -7.67
C PHE B 64 -9.43 -20.78 -7.28
N CYS B 65 -9.63 -19.51 -7.60
CA CYS B 65 -8.70 -18.48 -7.17
C CYS B 65 -9.18 -17.87 -5.86
N SER B 66 -8.21 -17.50 -5.01
CA SER B 66 -8.46 -16.85 -3.72
C SER B 66 -7.93 -15.42 -3.82
N ILE B 67 -8.78 -14.43 -3.60
CA ILE B 67 -8.38 -13.04 -3.77
C ILE B 67 -8.59 -12.31 -2.46
N GLY B 68 -7.51 -11.76 -1.91
CA GLY B 68 -7.57 -11.07 -0.64
C GLY B 68 -8.12 -9.67 -0.75
N SER B 69 -8.43 -9.11 0.42
CA SER B 69 -9.15 -7.85 0.52
C SER B 69 -8.36 -6.73 -0.16
N GLY B 70 -9.07 -5.90 -0.92
CA GLY B 70 -8.49 -4.74 -1.55
C GLY B 70 -7.41 -5.03 -2.57
N ALA B 71 -7.34 -6.23 -3.10
CA ALA B 71 -6.53 -6.45 -4.31
C ALA B 71 -6.96 -5.48 -5.41
N VAL B 72 -5.98 -5.05 -6.22
CA VAL B 72 -6.21 -4.06 -7.27
C VAL B 72 -5.78 -4.63 -8.61
N PHE B 73 -6.64 -4.47 -9.62
CA PHE B 73 -6.39 -4.97 -10.98
C PHE B 73 -6.46 -3.75 -11.90
N MET B 74 -5.30 -3.26 -12.32
CA MET B 74 -5.24 -2.04 -13.11
C MET B 74 -5.55 -2.36 -14.58
N MET B 75 -6.59 -1.75 -15.11
CA MET B 75 -6.91 -1.89 -16.53
C MET B 75 -6.69 -0.56 -17.20
N ALA B 76 -7.23 -0.43 -18.42
CA ALA B 76 -7.14 0.76 -19.26
C ALA B 76 -5.70 1.08 -19.67
N GLY B 77 -4.82 0.09 -19.64
CA GLY B 77 -3.46 0.24 -20.13
C GLY B 77 -2.70 1.42 -19.57
N ASN B 78 -2.28 2.35 -20.43
CA ASN B 78 -1.51 3.49 -19.96
C ASN B 78 -2.39 4.69 -19.62
N GLN B 79 -3.72 4.53 -19.70
CA GLN B 79 -4.68 5.57 -19.32
C GLN B 79 -4.52 6.83 -20.13
N GLY B 80 -3.90 6.75 -21.31
CA GLY B 80 -3.69 7.92 -22.12
C GLY B 80 -2.40 8.68 -21.85
N HIS B 81 -1.59 8.22 -20.91
CA HIS B 81 -0.33 8.86 -20.59
C HIS B 81 0.79 8.17 -21.35
N ARG B 82 1.46 8.91 -22.23
CA ARG B 82 2.57 8.36 -23.01
C ARG B 82 3.86 8.98 -22.49
N SER B 83 4.63 8.16 -21.74
CA SER B 83 5.89 8.63 -21.18
C SER B 83 6.92 8.96 -22.27
N ASP B 84 6.75 8.44 -23.48
CA ASP B 84 7.65 8.72 -24.58
C ASP B 84 7.28 9.98 -25.34
N TRP B 85 6.14 10.59 -25.05
CA TRP B 85 5.80 11.88 -25.62
C TRP B 85 6.40 13.00 -24.74
N ILE B 86 6.38 14.24 -25.25
CA ILE B 86 7.04 15.33 -24.53
C ILE B 86 6.39 15.53 -23.15
N SER B 87 5.08 15.33 -23.07
CA SER B 87 4.34 15.55 -21.84
C SER B 87 3.49 14.32 -21.53
N THR B 88 3.51 13.89 -20.26
CA THR B 88 2.60 12.84 -19.82
C THR B 88 1.19 13.34 -19.59
N PHE B 89 0.97 14.64 -19.64
CA PHE B 89 -0.36 15.18 -19.39
C PHE B 89 -1.29 14.80 -20.54
N PRO B 90 -2.45 14.20 -20.28
CA PRO B 90 -3.30 13.65 -21.35
C PRO B 90 -4.19 14.71 -21.99
N PHE B 91 -3.57 15.55 -22.81
CA PHE B 91 -4.29 16.61 -23.50
C PHE B 91 -5.57 16.11 -24.15
N PHE B 92 -5.50 14.94 -24.81
CA PHE B 92 -6.64 14.47 -25.60
C PHE B 92 -7.89 14.34 -24.74
N TYR B 93 -7.73 13.93 -23.48
CA TYR B 93 -8.84 13.68 -22.59
C TYR B 93 -9.19 14.88 -21.74
N GLN B 94 -8.38 15.93 -21.77
CA GLN B 94 -8.76 17.18 -21.15
C GLN B 94 -9.75 17.92 -22.04
N ASP B 95 -10.83 18.37 -21.44
CA ASP B 95 -11.99 18.87 -22.17
C ASP B 95 -11.86 20.33 -22.57
N ASN B 96 -10.80 21.02 -22.13
CA ASN B 96 -10.71 22.47 -22.35
C ASN B 96 -10.62 22.81 -23.84
N ASP B 97 -11.15 23.98 -24.19
CA ASP B 97 -11.28 24.36 -25.59
C ASP B 97 -9.93 24.48 -26.29
N ASN B 98 -8.88 24.87 -25.54
CA ASN B 98 -7.59 25.08 -26.16
C ASN B 98 -7.06 23.82 -26.83
N PHE B 99 -7.47 22.65 -26.33
CA PHE B 99 -6.80 21.38 -26.62
C PHE B 99 -7.47 20.63 -27.76
N ALA B 100 -7.72 21.34 -28.87
CA ALA B 100 -8.42 20.72 -30.01
C ALA B 100 -7.51 19.78 -30.78
N ASP B 101 -6.37 20.28 -31.28
CA ASP B 101 -5.49 19.47 -32.12
C ASP B 101 -4.72 18.42 -31.32
N ALA B 102 -5.20 18.10 -30.12
CA ALA B 102 -4.64 17.02 -29.33
C ALA B 102 -4.78 15.67 -30.04
N ARG B 103 -3.87 14.75 -29.70
CA ARG B 103 -3.85 13.40 -30.24
C ARG B 103 -4.04 12.38 -29.11
N ASP B 104 -4.68 11.26 -29.44
CA ASP B 104 -5.00 10.25 -28.42
C ASP B 104 -3.75 9.44 -28.06
N GLY B 105 -3.34 9.51 -26.79
CA GLY B 105 -2.19 8.79 -26.30
C GLY B 105 -2.47 7.43 -25.70
N PHE B 106 -3.73 7.02 -25.67
CA PHE B 106 -4.09 5.71 -25.12
C PHE B 106 -3.45 4.60 -25.93
N THR B 107 -2.82 3.66 -25.23
CA THR B 107 -2.24 2.44 -25.77
C THR B 107 -2.68 1.30 -24.89
N ARG B 108 -3.25 0.25 -25.49
CA ARG B 108 -3.67 -0.93 -24.74
C ARG B 108 -2.46 -1.74 -24.31
N SER B 109 -2.62 -2.48 -23.22
CA SER B 109 -1.57 -3.37 -22.73
C SER B 109 -1.84 -4.84 -23.04
N GLY B 110 -3.03 -5.16 -23.52
CA GLY B 110 -3.45 -6.54 -23.66
C GLY B 110 -4.12 -7.04 -22.39
N ASP B 111 -4.79 -8.19 -22.52
CA ASP B 111 -5.60 -8.71 -21.43
C ASP B 111 -4.76 -9.07 -20.20
N THR B 112 -5.28 -8.74 -19.01
CA THR B 112 -4.80 -9.32 -17.75
C THR B 112 -5.44 -10.71 -17.54
N ILE B 113 -4.59 -11.72 -17.38
CA ILE B 113 -5.01 -13.12 -17.34
C ILE B 113 -4.57 -13.72 -16.02
N ILE B 114 -5.52 -14.23 -15.24
CA ILE B 114 -5.22 -14.96 -14.01
C ILE B 114 -5.62 -16.42 -14.23
N GLY B 115 -4.66 -17.34 -14.10
CA GLY B 115 -4.93 -18.74 -14.30
C GLY B 115 -5.82 -19.31 -13.19
N HIS B 116 -5.88 -20.65 -13.14
CA HIS B 116 -6.61 -21.33 -12.09
C HIS B 116 -5.75 -21.46 -10.84
N ASP B 117 -6.43 -21.61 -9.70
CA ASP B 117 -5.77 -21.96 -8.44
C ASP B 117 -4.69 -20.95 -8.10
N VAL B 118 -5.01 -19.68 -8.30
CA VAL B 118 -4.09 -18.58 -7.98
C VAL B 118 -4.53 -17.95 -6.67
N TRP B 119 -3.55 -17.67 -5.82
CA TRP B 119 -3.79 -17.01 -4.55
C TRP B 119 -3.25 -15.59 -4.66
N ILE B 120 -4.13 -14.60 -4.62
CA ILE B 120 -3.72 -13.20 -4.69
C ILE B 120 -3.86 -12.57 -3.31
N GLY B 121 -2.73 -12.22 -2.70
CA GLY B 121 -2.73 -11.67 -1.36
C GLY B 121 -3.40 -10.31 -1.29
N THR B 122 -3.84 -9.98 -0.09
CA THR B 122 -4.58 -8.75 0.14
C THR B 122 -3.75 -7.53 -0.27
N GLU B 123 -4.43 -6.54 -0.85
CA GLU B 123 -3.85 -5.25 -1.21
C GLU B 123 -2.70 -5.37 -2.22
N ALA B 124 -2.61 -6.48 -2.94
CA ALA B 124 -1.72 -6.54 -4.09
C ALA B 124 -2.31 -5.77 -5.27
N MET B 125 -1.43 -5.27 -6.14
CA MET B 125 -1.82 -4.52 -7.33
C MET B 125 -1.22 -5.18 -8.57
N ILE B 126 -2.09 -5.62 -9.48
CA ILE B 126 -1.69 -6.23 -10.74
C ILE B 126 -1.71 -5.16 -11.82
N MET B 127 -0.56 -4.97 -12.48
CA MET B 127 -0.47 -3.94 -13.52
C MET B 127 -1.14 -4.42 -14.82
N PRO B 128 -1.41 -3.52 -15.76
CA PRO B 128 -2.14 -3.92 -16.96
C PRO B 128 -1.34 -4.91 -17.79
N GLY B 129 -2.06 -5.82 -18.47
CA GLY B 129 -1.40 -6.71 -19.41
C GLY B 129 -0.61 -7.85 -18.78
N VAL B 130 -0.68 -8.00 -17.47
CA VAL B 130 0.09 -9.02 -16.78
C VAL B 130 -0.65 -10.37 -16.84
N LYS B 131 0.09 -11.44 -17.08
CA LYS B 131 -0.46 -12.79 -17.07
C LYS B 131 0.14 -13.56 -15.89
N ILE B 132 -0.72 -14.25 -15.14
CA ILE B 132 -0.31 -14.99 -13.95
C ILE B 132 -0.72 -16.45 -14.13
N GLY B 133 0.26 -17.35 -14.08
CA GLY B 133 0.02 -18.75 -14.40
C GLY B 133 -0.67 -19.52 -13.30
N HIS B 134 -1.19 -20.70 -13.65
CA HIS B 134 -1.92 -21.52 -12.70
C HIS B 134 -1.06 -21.82 -11.47
N GLY B 135 -1.70 -21.91 -10.32
CA GLY B 135 -1.05 -22.28 -9.07
C GLY B 135 -0.15 -21.23 -8.45
N ALA B 136 -0.08 -20.03 -9.02
CA ALA B 136 0.82 -19.01 -8.49
C ALA B 136 0.32 -18.45 -7.15
N ILE B 137 1.25 -17.86 -6.40
CA ILE B 137 0.94 -17.08 -5.21
C ILE B 137 1.51 -15.68 -5.37
N ILE B 138 0.66 -14.67 -5.17
CA ILE B 138 1.06 -13.27 -5.13
C ILE B 138 1.01 -12.84 -3.66
N ALA B 139 2.16 -12.46 -3.09
CA ALA B 139 2.16 -12.07 -1.68
C ALA B 139 1.36 -10.79 -1.47
N SER B 140 0.88 -10.63 -0.25
CA SER B 140 0.21 -9.39 0.14
C SER B 140 1.08 -8.19 -0.19
N ARG B 141 0.43 -7.11 -0.63
CA ARG B 141 1.06 -5.83 -0.99
C ARG B 141 2.01 -5.95 -2.17
N SER B 142 1.97 -7.05 -2.92
CA SER B 142 2.77 -7.08 -4.14
C SER B 142 2.29 -6.05 -5.15
N VAL B 143 3.25 -5.52 -5.93
CA VAL B 143 3.00 -4.68 -7.08
C VAL B 143 3.56 -5.47 -8.27
N VAL B 144 2.68 -6.06 -9.07
CA VAL B 144 3.05 -7.07 -10.04
C VAL B 144 3.21 -6.37 -11.39
N THR B 145 4.45 -6.16 -11.80
CA THR B 145 4.71 -5.50 -13.06
C THR B 145 5.04 -6.45 -14.19
N LYS B 146 5.36 -7.71 -13.88
CA LYS B 146 5.81 -8.66 -14.88
C LYS B 146 4.99 -9.93 -14.76
N ASP B 147 5.03 -10.75 -15.81
CA ASP B 147 4.34 -12.04 -15.80
C ASP B 147 4.90 -12.95 -14.71
N VAL B 148 4.03 -13.81 -14.18
CA VAL B 148 4.36 -14.77 -13.15
C VAL B 148 4.12 -16.18 -13.71
N ALA B 149 5.12 -17.07 -13.57
CA ALA B 149 5.04 -18.41 -14.13
C ALA B 149 4.11 -19.31 -13.30
N PRO B 150 3.69 -20.46 -13.86
CA PRO B 150 2.87 -21.40 -13.08
C PRO B 150 3.57 -21.84 -11.79
N TYR B 151 2.82 -21.77 -10.70
CA TYR B 151 3.27 -22.21 -9.37
C TYR B 151 4.48 -21.42 -8.87
N GLU B 152 4.71 -20.22 -9.39
CA GLU B 152 5.76 -19.35 -8.90
C GLU B 152 5.21 -18.47 -7.79
N VAL B 153 6.02 -18.27 -6.76
CA VAL B 153 5.71 -17.37 -5.66
C VAL B 153 6.49 -16.07 -5.87
N VAL B 154 5.80 -14.93 -5.77
CA VAL B 154 6.46 -13.64 -5.96
C VAL B 154 5.91 -12.67 -4.92
N GLY B 155 6.64 -11.58 -4.72
CA GLY B 155 6.28 -10.56 -3.76
C GLY B 155 7.26 -9.41 -3.87
N SER B 156 6.89 -8.31 -3.21
CA SER B 156 7.61 -7.04 -3.14
C SER B 156 7.12 -6.08 -4.23
N ASN B 157 7.74 -4.90 -4.27
CA ASN B 157 7.32 -3.78 -5.11
C ASN B 157 8.55 -3.21 -5.79
N PRO B 158 8.82 -3.58 -7.07
CA PRO B 158 8.00 -4.47 -7.91
C PRO B 158 8.17 -5.94 -7.52
N ALA B 159 7.23 -6.78 -7.90
CA ALA B 159 7.28 -8.18 -7.49
C ALA B 159 8.48 -8.88 -8.13
N LYS B 160 9.19 -9.70 -7.35
CA LYS B 160 10.27 -10.52 -7.84
C LYS B 160 10.10 -11.96 -7.39
N HIS B 161 10.77 -12.86 -8.10
CA HIS B 161 10.78 -14.28 -7.78
C HIS B 161 11.15 -14.50 -6.32
N ILE B 162 10.34 -15.29 -5.62
CA ILE B 162 10.70 -15.80 -4.32
C ILE B 162 11.08 -17.27 -4.40
N LYS B 163 10.21 -18.10 -4.96
CA LYS B 163 10.48 -19.53 -5.09
C LYS B 163 9.44 -20.13 -6.01
N PHE B 164 9.70 -21.35 -6.46
CA PHE B 164 8.66 -22.19 -7.02
C PHE B 164 8.13 -23.09 -5.93
N ARG B 165 6.81 -23.30 -5.92
CA ARG B 165 6.19 -24.08 -4.86
C ARG B 165 6.63 -25.54 -4.91
N PHE B 166 6.81 -26.10 -6.12
CA PHE B 166 7.09 -27.51 -6.29
C PHE B 166 8.20 -27.67 -7.30
N SER B 167 8.67 -28.91 -7.46
CA SER B 167 9.72 -29.18 -8.43
C SER B 167 9.21 -29.02 -9.87
N ASP B 168 10.14 -29.03 -10.81
CA ASP B 168 9.76 -28.94 -12.23
C ASP B 168 8.92 -30.14 -12.66
N VAL B 169 9.32 -31.35 -12.24
CA VAL B 169 8.53 -32.54 -12.51
C VAL B 169 7.11 -32.38 -11.97
N GLU B 170 6.99 -32.03 -10.69
CA GLU B 170 5.70 -31.92 -10.03
C GLU B 170 4.81 -30.88 -10.69
N ILE B 171 5.41 -29.77 -11.12
CA ILE B 171 4.66 -28.71 -11.76
C ILE B 171 4.15 -29.16 -13.11
N ALA B 172 5.00 -29.83 -13.89
CA ALA B 172 4.53 -30.35 -15.18
C ALA B 172 3.45 -31.39 -14.97
N MET B 173 3.58 -32.24 -13.95
CA MET B 173 2.51 -33.17 -13.61
C MET B 173 1.21 -32.43 -13.37
N LEU B 174 1.25 -31.36 -12.59
CA LEU B 174 0.03 -30.64 -12.24
C LEU B 174 -0.59 -29.94 -13.43
N LEU B 175 0.24 -29.39 -14.32
CA LEU B 175 -0.31 -28.72 -15.48
C LEU B 175 -0.92 -29.71 -16.44
N GLU B 176 -0.36 -30.91 -16.49
CA GLU B 176 -0.90 -31.93 -17.37
C GLU B 176 -2.20 -32.50 -16.80
N MET B 177 -2.26 -32.73 -15.50
CA MET B 177 -3.47 -33.34 -14.96
C MET B 177 -4.61 -32.34 -14.81
N ALA B 178 -4.29 -31.07 -14.60
CA ALA B 178 -5.27 -29.96 -14.60
C ALA B 178 -6.50 -30.29 -13.76
N TRP B 179 -6.26 -30.56 -12.46
CA TRP B 179 -7.33 -31.06 -11.61
C TRP B 179 -8.54 -30.13 -11.58
N TRP B 180 -8.33 -28.83 -11.83
CA TRP B 180 -9.43 -27.86 -11.85
C TRP B 180 -10.43 -28.12 -12.98
N ASN B 181 -10.06 -28.91 -13.99
CA ASN B 181 -10.95 -29.19 -15.12
C ASN B 181 -11.64 -30.54 -14.97
N TRP B 182 -11.32 -31.27 -13.90
CA TRP B 182 -11.87 -32.60 -13.68
C TRP B 182 -13.38 -32.56 -13.48
N PRO B 183 -14.09 -33.61 -13.91
CA PRO B 183 -15.49 -33.74 -13.52
C PRO B 183 -15.63 -33.73 -12.00
N GLU B 184 -16.77 -33.22 -11.52
CA GLU B 184 -16.98 -33.01 -10.10
C GLU B 184 -16.64 -34.23 -9.26
N SER B 185 -17.10 -35.41 -9.70
CA SER B 185 -16.91 -36.63 -8.94
C SER B 185 -15.44 -36.96 -8.74
N TRP B 186 -14.60 -36.68 -9.74
CA TRP B 186 -13.17 -36.93 -9.57
C TRP B 186 -12.58 -35.96 -8.56
N LEU B 187 -13.03 -34.71 -8.61
CA LEU B 187 -12.60 -33.71 -7.64
C LEU B 187 -13.01 -34.13 -6.23
N LYS B 188 -14.24 -34.60 -6.06
CA LYS B 188 -14.75 -34.91 -4.72
C LYS B 188 -13.98 -36.06 -4.10
N GLU B 189 -13.64 -37.09 -4.89
CA GLU B 189 -12.94 -38.25 -4.34
C GLU B 189 -11.45 -38.01 -4.17
N SER B 190 -10.91 -36.93 -4.72
CA SER B 190 -9.49 -36.61 -4.58
C SER B 190 -9.26 -35.53 -3.53
N MET B 191 -10.29 -35.19 -2.76
CA MET B 191 -10.21 -34.04 -1.86
C MET B 191 -9.10 -34.20 -0.83
N GLN B 192 -8.88 -35.42 -0.35
CA GLN B 192 -7.78 -35.67 0.58
C GLN B 192 -6.42 -35.50 -0.10
N SER B 193 -6.28 -35.98 -1.33
CA SER B 193 -4.99 -35.84 -2.02
C SER B 193 -4.68 -34.37 -2.28
N LEU B 194 -5.71 -33.57 -2.59
CA LEU B 194 -5.53 -32.15 -2.86
C LEU B 194 -5.13 -31.39 -1.60
N CYS B 195 -5.59 -31.83 -0.44
CA CYS B 195 -5.17 -31.26 0.83
C CYS B 195 -3.94 -31.97 1.35
N SER B 196 -2.96 -32.12 0.46
CA SER B 196 -1.75 -32.86 0.76
C SER B 196 -0.68 -32.38 -0.19
N SER B 197 0.52 -32.93 -0.05
CA SER B 197 1.65 -32.55 -0.90
C SER B 197 2.05 -33.66 -1.85
N ASP B 198 1.22 -34.68 -2.04
CA ASP B 198 1.62 -35.88 -2.79
C ASP B 198 1.18 -35.72 -4.23
N ILE B 199 1.89 -34.84 -4.94
CA ILE B 199 1.58 -34.59 -6.34
C ILE B 199 1.78 -35.86 -7.16
N GLU B 200 2.95 -36.50 -7.01
CA GLU B 200 3.26 -37.65 -7.85
C GLU B 200 2.22 -38.74 -7.66
N GLY B 201 1.81 -38.98 -6.41
CA GLY B 201 0.78 -39.98 -6.14
C GLY B 201 -0.53 -39.64 -6.82
N LEU B 202 -0.97 -38.39 -6.67
CA LEU B 202 -2.19 -37.98 -7.37
C LEU B 202 -2.02 -38.10 -8.88
N TYR B 203 -0.86 -37.71 -9.39
CA TYR B 203 -0.63 -37.81 -10.83
C TYR B 203 -0.81 -39.24 -11.30
N LEU B 204 -0.21 -40.19 -10.57
CA LEU B 204 -0.29 -41.59 -11.00
C LEU B 204 -1.72 -42.11 -10.95
N ASN B 205 -2.51 -41.67 -9.97
CA ASN B 205 -3.92 -42.02 -9.96
C ASN B 205 -4.65 -41.37 -11.12
N TRP B 206 -4.37 -40.10 -11.39
CA TRP B 206 -5.07 -39.47 -12.50
C TRP B 206 -4.77 -40.17 -13.82
N GLN B 207 -3.50 -40.57 -14.03
CA GLN B 207 -3.17 -41.34 -15.21
C GLN B 207 -4.03 -42.58 -15.34
N SER B 208 -4.16 -43.35 -14.26
CA SER B 208 -4.85 -44.64 -14.39
C SER B 208 -6.34 -44.44 -14.67
N LYS B 209 -6.96 -43.41 -14.07
CA LYS B 209 -8.37 -43.15 -14.35
C LYS B 209 -8.61 -42.52 -15.71
N ALA B 210 -7.60 -41.91 -16.33
CA ALA B 210 -7.84 -41.11 -17.52
C ALA B 210 -7.08 -41.54 -18.76
N ARG B 211 -6.07 -42.40 -18.64
CA ARG B 211 -5.21 -42.71 -19.77
C ARG B 211 -5.94 -43.52 -20.83
N THR B 212 -5.51 -43.31 -22.08
CA THR B 212 -6.11 -43.79 -23.33
C THR B 212 -7.59 -44.10 -23.22
N MET C 4 -18.64 7.60 7.89
CA MET C 4 -18.42 7.97 9.29
C MET C 4 -16.95 7.92 9.67
N ASN C 5 -16.44 8.97 10.29
CA ASN C 5 -15.07 8.99 10.77
C ASN C 5 -15.08 8.93 12.29
N PHE C 6 -14.34 7.95 12.83
CA PHE C 6 -14.20 7.83 14.28
C PHE C 6 -13.51 9.05 14.87
N PHE C 7 -12.55 9.60 14.15
CA PHE C 7 -11.74 10.73 14.61
C PHE C 7 -12.32 12.04 14.10
N THR C 8 -12.15 13.09 14.89
CA THR C 8 -12.71 14.39 14.56
C THR C 8 -11.73 15.29 13.82
N SER C 9 -10.46 14.93 13.73
CA SER C 9 -9.46 15.77 13.07
C SER C 9 -8.26 14.90 12.73
N PRO C 10 -7.53 15.24 11.67
CA PRO C 10 -6.31 14.47 11.35
C PRO C 10 -5.36 14.32 12.54
N PHE C 11 -5.23 15.34 13.38
CA PHE C 11 -4.32 15.28 14.52
C PHE C 11 -4.91 14.59 15.73
N SER C 12 -6.12 14.03 15.61
CA SER C 12 -6.77 13.36 16.71
C SER C 12 -6.11 12.00 16.95
N GLY C 13 -5.68 11.77 18.17
CA GLY C 13 -5.09 10.49 18.51
C GLY C 13 -5.71 9.89 19.76
N ILE C 14 -6.51 8.83 19.60
CA ILE C 14 -7.23 8.26 20.74
C ILE C 14 -6.40 7.13 21.34
N PRO C 15 -6.26 7.07 22.66
CA PRO C 15 -5.60 5.90 23.28
C PRO C 15 -6.30 4.61 22.84
N LEU C 16 -5.50 3.56 22.64
CA LEU C 16 -6.06 2.28 22.20
C LEU C 16 -7.08 1.77 23.20
N ASP C 17 -6.77 1.88 24.49
CA ASP C 17 -7.65 1.32 25.52
C ASP C 17 -8.99 2.03 25.57
N GLN C 18 -9.16 3.13 24.85
CA GLN C 18 -10.45 3.81 24.76
C GLN C 18 -11.33 3.28 23.63
N GLN C 19 -10.75 2.66 22.61
CA GLN C 19 -11.50 2.25 21.43
C GLN C 19 -11.51 0.76 21.17
N VAL C 20 -10.57 0.00 21.73
CA VAL C 20 -10.49 -1.43 21.51
C VAL C 20 -11.63 -2.15 22.22
N THR C 21 -12.30 -3.06 21.51
CA THR C 21 -13.35 -3.89 22.07
C THR C 21 -13.07 -5.39 21.95
N ASN C 22 -12.07 -5.79 21.15
CA ASN C 22 -11.82 -7.20 20.89
C ASN C 22 -11.03 -7.83 22.04
N PRO C 23 -11.61 -8.78 22.79
CA PRO C 23 -10.92 -9.39 23.94
C PRO C 23 -9.55 -9.96 23.62
N ASN C 24 -9.27 -10.21 22.34
CA ASN C 24 -8.00 -10.78 21.93
C ASN C 24 -6.99 -9.70 21.55
N ILE C 25 -7.33 -8.43 21.70
CA ILE C 25 -6.38 -7.32 21.57
C ILE C 25 -6.03 -6.83 22.97
N ILE C 26 -4.74 -6.84 23.29
CA ILE C 26 -4.23 -6.48 24.60
C ILE C 26 -3.30 -5.28 24.42
N VAL C 27 -3.63 -4.17 25.05
CA VAL C 27 -2.93 -2.91 24.78
C VAL C 27 -2.50 -2.28 26.09
N GLY C 28 -1.30 -1.70 26.09
CA GLY C 28 -0.80 -1.01 27.24
C GLY C 28 -1.30 0.41 27.34
N LYS C 29 -1.01 1.03 28.49
CA LYS C 29 -1.37 2.42 28.72
C LYS C 29 -0.72 3.34 27.69
N HIS C 30 -1.42 4.44 27.40
CA HIS C 30 -0.87 5.55 26.63
C HIS C 30 -0.71 5.28 25.14
N SER C 31 -0.60 4.02 24.72
CA SER C 31 -0.55 3.76 23.29
C SER C 31 -1.81 4.29 22.60
N TYR C 32 -1.64 4.78 21.36
CA TYR C 32 -2.73 5.48 20.69
C TYR C 32 -2.69 5.22 19.19
N TYR C 33 -3.83 5.44 18.55
CA TYR C 33 -3.97 5.28 17.11
C TYR C 33 -4.56 6.56 16.53
N SER C 34 -3.92 7.10 15.50
CA SER C 34 -4.43 8.30 14.84
C SER C 34 -4.86 7.90 13.44
N GLY C 35 -6.11 7.48 13.31
CA GLY C 35 -6.57 6.93 12.06
C GLY C 35 -7.58 7.79 11.34
N TYR C 36 -7.39 9.11 11.39
CA TYR C 36 -8.33 10.00 10.70
C TYR C 36 -8.46 9.67 9.21
N TYR C 37 -7.33 9.38 8.56
CA TYR C 37 -7.33 9.22 7.11
C TYR C 37 -7.79 7.84 6.66
N HIS C 38 -8.12 6.94 7.59
CA HIS C 38 -8.70 5.66 7.22
C HIS C 38 -10.03 5.42 7.91
N GLY C 39 -10.56 6.44 8.59
CA GLY C 39 -11.94 6.41 9.04
C GLY C 39 -12.23 5.54 10.22
N HIS C 40 -11.83 4.27 10.17
CA HIS C 40 -12.24 3.28 11.17
C HIS C 40 -11.41 3.40 12.45
N SER C 41 -12.01 2.94 13.54
CA SER C 41 -11.33 2.82 14.83
C SER C 41 -10.34 1.66 14.80
N PHE C 42 -9.60 1.50 15.90
CA PHE C 42 -8.44 0.61 15.87
C PHE C 42 -8.82 -0.85 15.69
N ASP C 43 -10.02 -1.25 16.10
CA ASP C 43 -10.43 -2.65 15.93
C ASP C 43 -10.26 -3.09 14.48
N ASP C 44 -10.81 -2.33 13.54
CA ASP C 44 -10.68 -2.76 12.15
C ASP C 44 -9.25 -2.67 11.60
N CYS C 45 -8.27 -2.16 12.37
CA CYS C 45 -6.88 -2.35 12.00
C CYS C 45 -6.44 -3.80 12.20
N VAL C 46 -7.14 -4.57 13.00
CA VAL C 46 -6.69 -5.88 13.41
C VAL C 46 -7.50 -6.90 12.63
N ARG C 47 -6.95 -7.33 11.50
CA ARG C 47 -7.73 -8.07 10.52
C ARG C 47 -7.82 -9.55 10.87
N TYR C 48 -9.05 -10.07 10.84
CA TYR C 48 -9.34 -11.51 10.90
C TYR C 48 -9.06 -12.10 12.28
N LEU C 49 -9.26 -11.30 13.33
CA LEU C 49 -9.14 -11.75 14.71
C LEU C 49 -10.54 -12.07 15.23
N HIS C 50 -10.84 -13.36 15.39
CA HIS C 50 -12.10 -13.78 15.99
C HIS C 50 -12.22 -13.20 17.41
N PRO C 51 -13.21 -12.33 17.68
CA PRO C 51 -13.26 -11.65 18.98
C PRO C 51 -13.81 -12.49 20.13
N GLU C 52 -14.31 -13.70 19.88
CA GLU C 52 -14.89 -14.47 20.96
C GLU C 52 -14.23 -15.81 21.19
N ARG C 53 -13.40 -16.28 20.26
CA ARG C 53 -12.68 -17.52 20.45
C ARG C 53 -11.43 -17.29 21.29
N ASP C 54 -11.01 -18.36 21.98
CA ASP C 54 -9.88 -18.31 22.88
C ASP C 54 -8.74 -19.22 22.41
N ASP C 55 -8.80 -19.69 21.18
CA ASP C 55 -7.80 -20.59 20.64
C ASP C 55 -7.18 -20.03 19.36
N VAL C 56 -7.13 -18.70 19.22
CA VAL C 56 -6.51 -18.04 18.07
C VAL C 56 -5.32 -17.20 18.54
N ASP C 57 -4.47 -16.83 17.58
CA ASP C 57 -3.38 -15.90 17.86
C ASP C 57 -3.95 -14.56 18.35
N LYS C 58 -3.31 -13.99 19.37
CA LYS C 58 -3.71 -12.69 19.90
C LYS C 58 -2.74 -11.61 19.46
N LEU C 59 -3.20 -10.36 19.48
CA LEU C 59 -2.35 -9.20 19.25
C LEU C 59 -2.09 -8.52 20.58
N VAL C 60 -0.82 -8.43 20.96
CA VAL C 60 -0.42 -7.82 22.23
C VAL C 60 0.45 -6.61 21.90
N ILE C 61 0.06 -5.44 22.41
CA ILE C 61 0.79 -4.20 22.17
C ILE C 61 1.18 -3.61 23.51
N GLY C 62 2.44 -3.19 23.64
CA GLY C 62 2.93 -2.61 24.87
C GLY C 62 2.44 -1.18 25.05
N SER C 63 3.04 -0.50 26.03
CA SER C 63 2.64 0.86 26.36
C SER C 63 3.50 1.88 25.62
N PHE C 64 2.97 3.12 25.55
CA PHE C 64 3.65 4.25 24.91
C PHE C 64 3.96 3.99 23.43
N CYS C 65 3.04 3.37 22.71
CA CYS C 65 3.22 3.07 21.29
C CYS C 65 2.48 4.06 20.41
N SER C 66 3.08 4.42 19.27
CA SER C 66 2.46 5.34 18.31
C SER C 66 2.11 4.57 17.04
N ILE C 67 0.82 4.54 16.72
CA ILE C 67 0.32 3.79 15.57
C ILE C 67 -0.33 4.76 14.59
N GLY C 68 0.20 4.80 13.37
CA GLY C 68 -0.30 5.69 12.36
C GLY C 68 -1.45 5.12 11.52
N SER C 69 -2.11 6.03 10.81
CA SER C 69 -3.38 5.77 10.14
C SER C 69 -3.27 4.58 9.20
N GLY C 70 -4.29 3.73 9.24
CA GLY C 70 -4.35 2.59 8.33
C GLY C 70 -3.24 1.59 8.51
N ALA C 71 -2.60 1.55 9.69
CA ALA C 71 -1.75 0.42 10.03
C ALA C 71 -2.58 -0.85 10.06
N VAL C 72 -1.98 -1.96 9.63
CA VAL C 72 -2.69 -3.23 9.49
C VAL C 72 -1.94 -4.28 10.31
N PHE C 73 -2.68 -5.06 11.09
CA PHE C 73 -2.12 -6.16 11.85
C PHE C 73 -2.85 -7.42 11.36
N MET C 74 -2.19 -8.23 10.55
CA MET C 74 -2.82 -9.41 9.95
C MET C 74 -2.83 -10.53 10.97
N MET C 75 -4.02 -11.01 11.34
CA MET C 75 -4.16 -12.18 12.18
C MET C 75 -4.77 -13.36 11.41
N ALA C 76 -5.13 -14.42 12.15
CA ALA C 76 -5.61 -15.71 11.65
C ALA C 76 -4.58 -16.45 10.80
N GLY C 77 -3.29 -16.19 10.99
CA GLY C 77 -2.26 -17.07 10.44
C GLY C 77 -2.31 -17.16 8.93
N ASN C 78 -2.39 -18.38 8.39
CA ASN C 78 -2.41 -18.55 6.95
C ASN C 78 -3.82 -18.52 6.38
N GLN C 79 -4.83 -18.23 7.20
CA GLN C 79 -6.22 -18.11 6.75
C GLN C 79 -6.70 -19.37 6.02
N GLY C 80 -6.11 -20.52 6.35
CA GLY C 80 -6.53 -21.77 5.74
C GLY C 80 -5.84 -22.11 4.45
N HIS C 81 -4.90 -21.27 3.99
CA HIS C 81 -4.21 -21.47 2.70
C HIS C 81 -2.88 -22.16 2.94
N ARG C 82 -2.69 -23.35 2.35
CA ARG C 82 -1.48 -24.14 2.51
C ARG C 82 -0.72 -24.13 1.20
N SER C 83 0.36 -23.35 1.15
CA SER C 83 1.16 -23.28 -0.06
C SER C 83 1.92 -24.58 -0.31
N ASP C 84 2.11 -25.39 0.75
CA ASP C 84 2.73 -26.69 0.59
C ASP C 84 1.75 -27.76 0.17
N TRP C 85 0.45 -27.46 0.15
CA TRP C 85 -0.52 -28.39 -0.41
C TRP C 85 -0.69 -28.13 -1.91
N ILE C 86 -1.24 -29.14 -2.59
CA ILE C 86 -1.39 -29.05 -4.03
C ILE C 86 -2.11 -27.76 -4.42
N SER C 87 -3.20 -27.44 -3.72
CA SER C 87 -3.96 -26.22 -3.98
C SER C 87 -3.96 -25.33 -2.74
N THR C 88 -3.86 -24.02 -2.95
CA THR C 88 -4.05 -23.06 -1.88
C THR C 88 -5.50 -22.69 -1.68
N PHE C 89 -6.39 -23.12 -2.56
CA PHE C 89 -7.81 -22.87 -2.34
C PHE C 89 -8.26 -23.56 -1.05
N PRO C 90 -8.99 -22.86 -0.17
CA PRO C 90 -9.31 -23.46 1.15
C PRO C 90 -10.63 -24.20 1.12
N PHE C 91 -10.62 -25.37 0.47
CA PHE C 91 -11.82 -26.21 0.36
C PHE C 91 -12.55 -26.33 1.68
N PHE C 92 -11.81 -26.45 2.80
CA PHE C 92 -12.42 -26.71 4.10
C PHE C 92 -13.39 -25.60 4.50
N TYR C 93 -13.11 -24.36 4.11
CA TYR C 93 -13.83 -23.18 4.59
C TYR C 93 -14.87 -22.66 3.59
N GLN C 94 -15.10 -23.35 2.48
CA GLN C 94 -16.15 -23.00 1.53
C GLN C 94 -17.31 -24.00 1.62
N ASP C 95 -18.54 -23.48 1.54
CA ASP C 95 -19.73 -24.31 1.69
C ASP C 95 -20.03 -24.98 0.36
N ASN C 96 -19.75 -26.29 0.27
CA ASN C 96 -19.95 -27.03 -0.96
C ASN C 96 -19.90 -28.52 -0.67
N ASP C 97 -20.98 -29.25 -0.97
CA ASP C 97 -21.07 -30.66 -0.59
C ASP C 97 -19.95 -31.49 -1.21
N ASN C 98 -19.38 -31.03 -2.33
CA ASN C 98 -18.28 -31.74 -2.96
C ASN C 98 -16.96 -31.57 -2.24
N PHE C 99 -16.88 -30.64 -1.29
CA PHE C 99 -15.65 -30.44 -0.52
C PHE C 99 -15.72 -31.14 0.82
N ALA C 100 -16.51 -32.22 0.89
CA ALA C 100 -16.83 -32.84 2.18
C ALA C 100 -15.61 -33.45 2.85
N ASP C 101 -14.74 -34.11 2.09
CA ASP C 101 -13.56 -34.76 2.66
C ASP C 101 -12.32 -33.87 2.66
N ALA C 102 -12.48 -32.55 2.63
CA ALA C 102 -11.33 -31.66 2.72
C ALA C 102 -10.69 -31.74 4.12
N ARG C 103 -9.42 -31.33 4.19
CA ARG C 103 -8.69 -31.21 5.45
C ARG C 103 -8.53 -29.73 5.84
N ASP C 104 -8.46 -29.49 7.14
CA ASP C 104 -8.33 -28.13 7.63
C ASP C 104 -6.88 -27.68 7.42
N GLY C 105 -6.69 -26.77 6.47
CA GLY C 105 -5.38 -26.19 6.25
C GLY C 105 -5.01 -25.05 7.18
N PHE C 106 -5.87 -24.70 8.14
CA PHE C 106 -5.55 -23.57 9.02
C PHE C 106 -4.35 -23.93 9.89
N THR C 107 -3.38 -23.01 9.93
CA THR C 107 -2.21 -23.10 10.78
C THR C 107 -2.03 -21.76 11.49
N ARG C 108 -1.75 -21.81 12.80
CA ARG C 108 -1.50 -20.59 13.54
C ARG C 108 -0.04 -20.17 13.40
N SER C 109 0.20 -18.86 13.47
CA SER C 109 1.53 -18.29 13.43
C SER C 109 2.12 -17.99 14.80
N GLY C 110 1.32 -18.07 15.86
CA GLY C 110 1.70 -17.53 17.15
C GLY C 110 1.28 -16.08 17.28
N ASP C 111 1.30 -15.59 18.52
CA ASP C 111 0.87 -14.21 18.80
C ASP C 111 1.74 -13.21 18.04
N THR C 112 1.12 -12.08 17.66
CA THR C 112 1.84 -10.88 17.23
C THR C 112 2.08 -10.01 18.47
N ILE C 113 3.35 -9.74 18.75
CA ILE C 113 3.76 -9.06 19.98
C ILE C 113 4.50 -7.79 19.61
N ILE C 114 3.94 -6.65 19.98
CA ILE C 114 4.61 -5.39 19.82
C ILE C 114 4.94 -4.87 21.21
N GLY C 115 6.22 -4.52 21.41
CA GLY C 115 6.71 -4.13 22.72
C GLY C 115 6.38 -2.69 23.06
N HIS C 116 7.12 -2.17 24.05
CA HIS C 116 6.94 -0.81 24.52
C HIS C 116 7.60 0.19 23.61
N ASP C 117 7.02 1.39 23.55
CA ASP C 117 7.66 2.55 22.92
C ASP C 117 7.99 2.27 21.45
N VAL C 118 7.06 1.61 20.74
CA VAL C 118 7.22 1.29 19.34
C VAL C 118 6.46 2.31 18.49
N TRP C 119 7.07 2.73 17.39
CA TRP C 119 6.45 3.67 16.46
C TRP C 119 6.14 2.93 15.16
N ILE C 120 4.86 2.71 14.88
CA ILE C 120 4.44 2.01 13.66
C ILE C 120 3.87 3.03 12.69
N GLY C 121 4.55 3.21 11.56
CA GLY C 121 4.16 4.22 10.60
C GLY C 121 2.85 3.92 9.92
N THR C 122 2.32 4.98 9.29
CA THR C 122 1.01 4.88 8.64
C THR C 122 1.06 3.82 7.54
N GLU C 123 0.00 3.02 7.48
CA GLU C 123 -0.23 2.04 6.41
C GLU C 123 0.80 0.92 6.38
N ALA C 124 1.60 0.77 7.44
CA ALA C 124 2.42 -0.42 7.62
C ALA C 124 1.57 -1.66 7.82
N MET C 125 2.06 -2.80 7.33
CA MET C 125 1.34 -4.06 7.44
C MET C 125 2.22 -5.04 8.20
N ILE C 126 1.72 -5.53 9.34
CA ILE C 126 2.42 -6.49 10.19
C ILE C 126 1.87 -7.88 9.91
N MET C 127 2.74 -8.80 9.54
CA MET C 127 2.30 -10.14 9.17
C MET C 127 2.05 -10.95 10.44
N PRO C 128 1.34 -12.09 10.33
CA PRO C 128 1.03 -12.87 11.53
C PRO C 128 2.28 -13.40 12.21
N GLY C 129 2.29 -13.34 13.54
CA GLY C 129 3.36 -13.95 14.31
C GLY C 129 4.63 -13.11 14.44
N VAL C 130 4.60 -11.87 14.02
CA VAL C 130 5.79 -11.04 14.10
C VAL C 130 5.94 -10.51 15.54
N LYS C 131 7.17 -10.47 16.03
CA LYS C 131 7.50 -9.81 17.30
C LYS C 131 8.35 -8.58 17.01
N ILE C 132 7.93 -7.44 17.59
CA ILE C 132 8.61 -6.16 17.43
C ILE C 132 9.07 -5.70 18.81
N GLY C 133 10.38 -5.60 18.98
CA GLY C 133 10.92 -5.30 20.29
C GLY C 133 10.81 -3.83 20.67
N HIS C 134 11.10 -3.57 21.94
CA HIS C 134 10.91 -2.23 22.50
C HIS C 134 11.68 -1.17 21.73
N GLY C 135 11.04 -0.02 21.52
CA GLY C 135 11.69 1.13 20.94
C GLY C 135 11.96 1.05 19.46
N ALA C 136 11.39 0.06 18.79
CA ALA C 136 11.60 -0.09 17.35
C ALA C 136 10.77 0.94 16.56
N ILE C 137 11.18 1.15 15.31
CA ILE C 137 10.47 2.07 14.45
C ILE C 137 10.15 1.37 13.14
N ILE C 138 8.89 1.33 12.79
CA ILE C 138 8.43 0.71 11.56
C ILE C 138 8.07 1.84 10.60
N ALA C 139 8.86 2.01 9.56
CA ALA C 139 8.60 3.08 8.61
C ALA C 139 7.23 2.88 7.97
N SER C 140 6.64 4.01 7.54
CA SER C 140 5.39 3.96 6.82
C SER C 140 5.46 3.00 5.65
N ARG C 141 4.32 2.38 5.34
CA ARG C 141 4.17 1.46 4.22
C ARG C 141 5.11 0.26 4.30
N SER C 142 5.72 0.00 5.45
CA SER C 142 6.50 -1.23 5.58
C SER C 142 5.58 -2.44 5.55
N VAL C 143 6.10 -3.55 5.03
CA VAL C 143 5.41 -4.83 5.08
C VAL C 143 6.31 -5.74 5.92
N VAL C 144 5.93 -5.94 7.18
CA VAL C 144 6.85 -6.51 8.16
C VAL C 144 6.60 -8.02 8.20
N THR C 145 7.55 -8.79 7.68
CA THR C 145 7.40 -10.22 7.54
C THR C 145 8.27 -11.02 8.49
N LYS C 146 9.15 -10.36 9.24
CA LYS C 146 9.95 -11.07 10.24
C LYS C 146 10.25 -10.13 11.41
N ASP C 147 10.74 -10.71 12.50
CA ASP C 147 10.83 -10.00 13.76
C ASP C 147 11.79 -8.80 13.66
N VAL C 148 11.60 -7.85 14.57
CA VAL C 148 12.34 -6.60 14.61
C VAL C 148 12.93 -6.45 16.02
N ALA C 149 14.25 -6.27 16.09
CA ALA C 149 14.98 -6.19 17.34
C ALA C 149 14.69 -4.86 18.05
N PRO C 150 14.99 -4.77 19.36
CA PRO C 150 14.77 -3.51 20.07
C PRO C 150 15.54 -2.36 19.45
N TYR C 151 14.86 -1.23 19.30
CA TYR C 151 15.48 0.02 18.88
C TYR C 151 16.02 -0.08 17.46
N GLU C 152 15.50 -1.03 16.68
CA GLU C 152 15.83 -1.19 15.29
C GLU C 152 14.81 -0.44 14.44
N VAL C 153 15.30 0.17 13.35
CA VAL C 153 14.49 0.85 12.35
C VAL C 153 14.47 -0.02 11.11
N VAL C 154 13.26 -0.30 10.59
CA VAL C 154 13.11 -1.09 9.38
C VAL C 154 12.15 -0.38 8.44
N GLY C 155 12.28 -0.68 7.14
CA GLY C 155 11.32 -0.23 6.16
C GLY C 155 11.40 -1.06 4.89
N SER C 156 10.47 -0.75 3.97
CA SER C 156 10.36 -1.32 2.64
C SER C 156 9.50 -2.58 2.66
N ASN C 157 9.41 -3.27 1.51
CA ASN C 157 8.47 -4.36 1.32
C ASN C 157 9.19 -5.44 0.52
N PRO C 158 9.68 -6.50 1.19
CA PRO C 158 9.49 -6.75 2.62
C PRO C 158 10.36 -5.85 3.48
N ALA C 159 9.95 -5.57 4.71
CA ALA C 159 10.73 -4.70 5.58
C ALA C 159 12.12 -5.27 5.80
N LYS C 160 13.12 -4.40 5.75
CA LYS C 160 14.51 -4.76 5.97
C LYS C 160 15.18 -3.75 6.89
N HIS C 161 16.32 -4.14 7.45
CA HIS C 161 17.05 -3.28 8.38
C HIS C 161 17.45 -1.97 7.73
N ILE C 162 17.13 -0.87 8.40
CA ILE C 162 17.65 0.45 8.04
C ILE C 162 18.78 0.87 8.98
N LYS C 163 18.55 0.83 10.28
CA LYS C 163 19.57 1.18 11.26
C LYS C 163 19.05 0.88 12.66
N PHE C 164 19.94 1.02 13.64
CA PHE C 164 19.57 1.05 15.05
C PHE C 164 19.58 2.49 15.54
N ARG C 165 18.62 2.84 16.40
CA ARG C 165 18.55 4.20 16.91
C ARG C 165 19.76 4.57 17.76
N PHE C 166 20.33 3.61 18.50
CA PHE C 166 21.40 3.93 19.45
C PHE C 166 22.46 2.85 19.40
N SER C 167 23.60 3.17 20.02
CA SER C 167 24.69 2.21 20.14
C SER C 167 24.26 0.98 20.94
N ASP C 168 25.03 -0.10 20.79
CA ASP C 168 24.72 -1.32 21.53
C ASP C 168 24.72 -1.08 23.04
N VAL C 169 25.66 -0.27 23.53
CA VAL C 169 25.72 -0.01 24.97
C VAL C 169 24.50 0.74 25.45
N GLU C 170 24.09 1.77 24.69
CA GLU C 170 22.92 2.57 25.04
C GLU C 170 21.64 1.75 24.95
N ILE C 171 21.54 0.84 23.96
CA ILE C 171 20.35 0.00 23.86
C ILE C 171 20.22 -0.87 25.09
N ALA C 172 21.32 -1.52 25.50
CA ALA C 172 21.32 -2.28 26.74
C ALA C 172 20.96 -1.41 27.94
N MET C 173 21.42 -0.15 27.96
CA MET C 173 21.12 0.72 29.10
C MET C 173 19.62 0.99 29.19
N LEU C 174 19.01 1.30 28.06
CA LEU C 174 17.58 1.57 28.03
C LEU C 174 16.76 0.36 28.43
N LEU C 175 17.25 -0.84 28.14
CA LEU C 175 16.43 -2.01 28.40
C LEU C 175 16.52 -2.42 29.86
N GLU C 176 17.65 -2.09 30.51
CA GLU C 176 17.75 -2.29 31.94
C GLU C 176 16.91 -1.25 32.69
N MET C 177 16.91 0.00 32.20
CA MET C 177 16.15 1.05 32.88
C MET C 177 14.65 0.80 32.82
N ALA C 178 14.18 0.33 31.66
CA ALA C 178 12.77 0.07 31.34
C ALA C 178 11.87 1.20 31.84
N TRP C 179 12.14 2.41 31.32
CA TRP C 179 11.44 3.59 31.83
C TRP C 179 9.93 3.49 31.69
N TRP C 180 9.44 2.67 30.75
CA TRP C 180 8.00 2.52 30.60
C TRP C 180 7.37 1.83 31.80
N ASN C 181 8.19 1.16 32.62
CA ASN C 181 7.70 0.48 33.82
C ASN C 181 7.93 1.27 35.10
N TRP C 182 8.57 2.43 35.01
CA TRP C 182 8.88 3.22 36.19
C TRP C 182 7.61 3.64 36.92
N PRO C 183 7.69 3.89 38.22
CA PRO C 183 6.58 4.54 38.93
C PRO C 183 6.25 5.86 38.24
N GLU C 184 4.99 6.26 38.30
CA GLU C 184 4.60 7.42 37.49
C GLU C 184 5.27 8.70 37.98
N SER C 185 5.58 8.78 39.28
CA SER C 185 6.33 9.93 39.79
C SER C 185 7.71 10.01 39.16
N TRP C 186 8.38 8.86 38.97
CA TRP C 186 9.68 8.88 38.31
C TRP C 186 9.54 9.34 36.87
N LEU C 187 8.47 8.91 36.20
CA LEU C 187 8.23 9.29 34.82
C LEU C 187 7.97 10.79 34.71
N LYS C 188 7.11 11.33 35.57
CA LYS C 188 6.87 12.77 35.52
C LYS C 188 8.17 13.55 35.73
N GLU C 189 9.02 13.11 36.67
CA GLU C 189 10.27 13.82 36.94
C GLU C 189 11.29 13.73 35.82
N SER C 190 11.19 12.73 34.94
CA SER C 190 12.23 12.46 33.96
C SER C 190 11.84 12.96 32.57
N MET C 191 10.77 13.73 32.50
CA MET C 191 10.10 14.05 31.24
C MET C 191 11.00 14.87 30.30
N GLN C 192 11.82 15.76 30.86
CA GLN C 192 12.77 16.53 30.04
C GLN C 192 13.90 15.64 29.54
N SER C 193 14.44 14.77 30.39
CA SER C 193 15.47 13.83 29.93
C SER C 193 14.91 12.89 28.87
N LEU C 194 13.68 12.41 29.06
CA LEU C 194 13.08 11.50 28.08
C LEU C 194 12.94 12.17 26.72
N CYS C 195 12.69 13.47 26.69
CA CYS C 195 12.65 14.22 25.43
C CYS C 195 14.04 14.77 25.10
N SER C 196 15.03 13.88 25.07
CA SER C 196 16.41 14.22 24.76
C SER C 196 17.13 12.95 24.38
N SER C 197 18.31 13.09 23.81
CA SER C 197 19.18 11.96 23.50
C SER C 197 20.11 11.57 24.65
N ASP C 198 19.87 12.08 25.86
CA ASP C 198 20.87 11.94 26.93
C ASP C 198 20.62 10.66 27.71
N ILE C 199 20.95 9.54 27.05
CA ILE C 199 20.77 8.23 27.70
C ILE C 199 21.73 8.08 28.88
N GLU C 200 23.02 8.40 28.68
CA GLU C 200 24.01 8.29 29.73
C GLU C 200 23.57 9.01 31.00
N GLY C 201 23.17 10.28 30.86
CA GLY C 201 22.73 11.04 32.03
C GLY C 201 21.54 10.40 32.73
N LEU C 202 20.52 10.03 31.94
CA LEU C 202 19.32 9.48 32.54
C LEU C 202 19.60 8.14 33.20
N TYR C 203 20.50 7.34 32.62
CA TYR C 203 20.84 6.05 33.21
C TYR C 203 21.57 6.24 34.55
N LEU C 204 22.48 7.21 34.61
CA LEU C 204 23.11 7.54 35.90
C LEU C 204 22.09 8.04 36.90
N ASN C 205 21.15 8.88 36.45
CA ASN C 205 20.13 9.37 37.36
C ASN C 205 19.23 8.25 37.83
N TRP C 206 18.99 7.25 36.99
CA TRP C 206 18.18 6.09 37.38
C TRP C 206 18.91 5.22 38.40
N GLN C 207 20.18 4.90 38.12
CA GLN C 207 20.98 4.11 39.04
C GLN C 207 20.98 4.71 40.44
N SER C 208 21.24 6.02 40.55
CA SER C 208 21.28 6.62 41.87
C SER C 208 19.92 6.54 42.55
N LYS C 209 18.83 6.47 41.78
CA LYS C 209 17.50 6.30 42.34
C LYS C 209 17.15 4.84 42.62
N ALA C 210 17.62 3.91 41.78
CA ALA C 210 17.18 2.52 41.84
C ALA C 210 18.24 1.52 42.30
N ARG C 211 19.53 1.83 42.16
CA ARG C 211 20.60 0.92 42.55
C ARG C 211 20.77 0.85 44.06
N THR C 212 20.43 1.92 44.77
CA THR C 212 20.56 1.98 46.23
C THR C 212 19.51 1.12 46.91
C1 CIT D . 19.48 16.07 22.17
O1 CIT D . 19.59 15.00 21.55
O2 CIT D . 19.08 16.05 23.35
C2 CIT D . 19.84 17.34 21.46
C3 CIT D . 18.83 18.44 21.74
O7 CIT D . 18.20 18.20 23.02
C4 CIT D . 19.60 19.76 21.78
C5 CIT D . 18.80 20.94 21.27
O3 CIT D . 18.92 21.33 20.08
O4 CIT D . 17.99 21.52 22.03
C6 CIT D . 17.76 18.46 20.66
O5 CIT D . 18.07 18.40 19.45
O6 CIT D . 16.57 18.52 20.99
CL CL E . 5.12 -1.31 -1.16
N1A ACO F . 6.98 -0.06 -9.36
C2A ACO F . 8.27 -0.41 -9.52
N3A ACO F . 8.85 -0.63 -10.70
C4A ACO F . 8.15 -0.50 -11.84
C5A ACO F . 6.72 -0.11 -11.77
C6A ACO F . 6.15 0.11 -10.42
N6A ACO F . 4.86 0.47 -10.22
N7A ACO F . 6.28 -0.05 -13.05
C8A ACO F . 7.32 -0.37 -13.85
N9A ACO F . 8.43 -0.63 -13.14
C1B ACO F . 9.75 -1.03 -13.69
C2B ACO F . 9.82 -2.54 -13.82
O2B ACO F . 10.34 -3.16 -12.64
C3B ACO F . 10.72 -2.77 -15.01
O3B ACO F . 12.07 -2.86 -14.58
P3B ACO F . 13.12 -3.82 -15.34
O7A ACO F . 12.29 -4.45 -16.44
O8A ACO F . 14.17 -2.87 -15.87
O9A ACO F . 13.60 -4.75 -14.25
C4B ACO F . 10.62 -1.50 -15.83
O4B ACO F . 9.94 -0.53 -15.02
C5B ACO F . 9.86 -1.72 -17.13
O5B ACO F . 10.14 -0.59 -17.95
P1A ACO F . 8.93 0.18 -18.67
O1A ACO F . 9.53 1.22 -19.59
O2A ACO F . 7.94 -0.83 -19.18
O3A ACO F . 8.26 0.93 -17.40
P2A ACO F . 7.38 2.28 -17.54
O4A ACO F . 6.77 2.31 -18.93
O5A ACO F . 8.19 3.46 -17.06
O6A ACO F . 6.19 2.05 -16.47
CBP ACO F . 4.59 3.79 -15.93
CCP ACO F . 5.86 3.07 -15.52
CDP ACO F . 4.82 4.57 -17.21
CEP ACO F . 4.17 4.73 -14.81
CAP ACO F . 3.47 2.77 -16.15
CL CL G . -2.08 0.64 0.42
N1A ACO H . 6.84 -9.69 0.40
C2A ACO H . 8.06 -10.12 0.01
N3A ACO H . 8.63 -11.26 0.42
C4A ACO H . 7.97 -12.09 1.28
C5A ACO H . 6.63 -11.68 1.74
C6A ACO H . 6.08 -10.40 1.24
N6A ACO H . 4.85 -9.96 1.63
N7A ACO H . 6.20 -12.66 2.58
C8A ACO H . 7.19 -13.59 2.64
N9A ACO H . 8.25 -13.26 1.88
C1B ACO H . 9.47 -14.09 1.72
C2B ACO H . 10.43 -13.99 2.91
O2B ACO H . 11.38 -12.94 2.71
C3B ACO H . 11.08 -15.37 2.99
O3B ACO H . 12.29 -15.46 2.22
P3B ACO H . 13.75 -14.94 2.71
O7A ACO H . 13.65 -13.43 2.62
O8A ACO H . 13.90 -15.48 4.11
O9A ACO H . 14.72 -15.55 1.71
C4B ACO H . 10.08 -16.31 2.33
O4B ACO H . 9.11 -15.48 1.67
C5B ACO H . 9.38 -17.28 3.28
O5B ACO H . 8.37 -17.98 2.55
P1A ACO H . 7.35 -19.04 3.21
O1A ACO H . 7.08 -20.14 2.21
O2A ACO H . 7.89 -19.40 4.57
O3A ACO H . 6.03 -18.12 3.38
P2A ACO H . 4.71 -18.17 2.43
O4A ACO H . 5.16 -17.95 1.00
O5A ACO H . 3.87 -19.39 2.76
O6A ACO H . 3.89 -16.84 2.86
CBP ACO H . 1.74 -16.40 3.88
CCP ACO H . 3.22 -16.73 4.12
CDP ACO H . 1.24 -17.50 2.97
CEP ACO H . 1.58 -15.04 3.22
CAP ACO H . 0.95 -16.50 5.21
OAP ACO H . 1.84 -16.51 6.33
C9P ACO H . -0.05 -15.38 5.38
O9P ACO H . 0.22 -14.43 6.10
N8P ACO H . -1.22 -15.49 4.76
C7P ACO H . -2.17 -14.41 4.75
S SO4 I . -10.84 -22.63 -19.38
O1 SO4 I . -9.55 -23.34 -19.39
O2 SO4 I . -10.66 -21.25 -19.83
O3 SO4 I . -11.78 -23.30 -20.28
O4 SO4 I . -11.38 -22.65 -18.03
C1 IPA J . -8.91 -15.80 -22.45
C2 IPA J . -10.32 -16.04 -21.91
C3 IPA J . -11.34 -15.33 -22.79
O2 IPA J . -10.59 -17.42 -21.80
N1A ACO K . 10.28 3.32 3.77
C2A ACO K . 11.47 2.83 3.36
N3A ACO K . 12.64 3.46 3.57
C4A ACO K . 12.69 4.64 4.22
C5A ACO K . 11.44 5.25 4.69
C6A ACO K . 10.18 4.50 4.43
N6A ACO K . 8.98 4.97 4.83
N7A ACO K . 11.77 6.41 5.29
C8A ACO K . 13.13 6.54 5.20
N9A ACO K . 13.67 5.49 4.56
C1B ACO K . 15.12 5.28 4.28
C2B ACO K . 15.66 6.16 3.17
O2B ACO K . 15.26 5.74 1.87
C3B ACO K . 17.15 5.96 3.38
O3B ACO K . 17.49 4.66 2.92
P3B ACO K . 18.56 4.37 1.74
O7A ACO K . 19.80 5.14 2.14
O8A ACO K . 18.71 2.87 1.78
O9A ACO K . 17.87 4.89 0.50
C4B ACO K . 17.28 5.92 4.89
O4B ACO K . 15.97 5.59 5.38
C5B ACO K . 17.73 7.26 5.45
O5B ACO K . 17.12 7.40 6.73
P1A ACO K . 16.86 8.83 7.41
O1A ACO K . 18.05 9.20 8.27
O2A ACO K . 16.38 9.79 6.33
O3A ACO K . 15.61 8.43 8.34
P2A ACO K . 15.42 8.89 9.88
O4A ACO K . 14.87 10.29 9.92
O5A ACO K . 16.66 8.53 10.65
O6A ACO K . 14.24 7.86 10.27
CBP ACO K . 11.99 7.75 9.48
CCP ACO K . 12.92 8.33 10.54
CDP ACO K . 12.18 6.24 9.40
CEP ACO K . 12.35 8.41 8.15
CAP ACO K . 10.55 8.12 9.84
OAP ACO K . 10.36 9.51 9.56
C9P ACO K . 9.51 7.32 9.10
O9P ACO K . 9.64 6.98 7.93
N8P ACO K . 8.39 7.06 9.77
C7P ACO K . 7.14 7.50 9.22
C6P ACO K . 5.96 7.31 10.16
C5P ACO K . 4.79 8.11 9.62
O5P ACO K . 4.95 8.85 8.67
N4P ACO K . 3.63 7.95 10.25
C1 CIT L . 1.17 -34.51 8.04
O1 CIT L . 1.24 -35.13 6.96
O2 CIT L . 1.89 -34.88 9.01
C2 CIT L . 0.19 -33.36 8.21
C3 CIT L . 0.80 -32.04 7.73
O7 CIT L . -0.20 -30.99 7.86
C4 CIT L . 2.01 -31.70 8.60
C5 CIT L . 2.19 -30.20 8.70
O3 CIT L . 2.87 -29.61 7.84
O4 CIT L . 1.69 -29.55 9.64
C6 CIT L . 1.27 -32.18 6.28
O5 CIT L . 2.42 -32.59 6.02
O6 CIT L . 0.51 -31.89 5.34
S SO4 M . 4.09 -5.54 30.85
O1 SO4 M . 3.71 -6.29 29.66
O2 SO4 M . 5.56 -5.42 30.92
O3 SO4 M . 3.58 -6.23 32.03
O4 SO4 M . 3.52 -4.19 30.80
C1 IPA N . -1.12 -11.95 27.26
C2 IPA N . 0.11 -11.25 26.69
C3 IPA N . 0.72 -10.24 27.67
O2 IPA N . 1.07 -12.17 26.22
#